data_6J8W
#
_entry.id   6J8W
#
_cell.length_a   137.777
_cell.length_b   217.673
_cell.length_c   104.416
_cell.angle_alpha   90.00
_cell.angle_beta   90.00
_cell.angle_gamma   90.00
#
_symmetry.space_group_name_H-M   'C 2 2 2'
#
loop_
_entity.id
_entity.type
_entity.pdbx_description
1 polymer 'MoeN5,DNA-binding protein 7d'
2 non-polymer '(2S)-3-dimethoxyphosphoryloxy-2-[(2E,6E)-3,7,11-trimethyldodeca-2,6,10-trienoxy]propanoic acid'
3 water water
#
_entity_poly.entity_id   1
_entity_poly.type   'polypeptide(L)'
_entity_poly.pdbx_seq_one_letter_code
;MAHHHHHHVDDDDKMLAAEAANRDHVTRCVAQTGGSPDLVAHTAALRLYLRVPHFLTEWTTDPDRRAAVSRALALDIVSM
KLLDDLMDDDTGLDRVELACVCLRLHLRALHELESLARDPKAVTDILEQDAVHLCGGQIRTKRSRATNLREWRAHASTYG
STFLGRYGALAAACGGEGQPADSVREFAEAFAMTITMADDLTDYDRNGERDGNLAHLMRTGAVAGQDVVDLLEELRGRAL
AAVAAPPGAPGLVPVVHLYTDDVLVRLLPRHLGEAGAGAMATVKFKYKGEEKEVDISKIKKVWRVGKMISFTYDEGGGKT
GRGAVSEKDAPKELLQMLEKQKK
;
_entity_poly.pdbx_strand_id   A,B,C,D
#
# COMPACT_ATOMS: atom_id res chain seq x y z
N VAL A 9 -12.21 5.84 60.28
CA VAL A 9 -12.10 5.84 58.76
C VAL A 9 -11.16 7.00 58.34
N ASP A 10 -9.84 6.74 58.29
CA ASP A 10 -8.79 7.74 57.91
C ASP A 10 -8.61 7.75 56.37
N ASP A 11 -7.67 8.56 55.88
CA ASP A 11 -7.33 8.72 54.45
C ASP A 11 -6.83 7.39 53.86
N ASP A 12 -6.04 6.61 54.60
CA ASP A 12 -5.52 5.30 54.14
C ASP A 12 -6.72 4.37 53.84
N ASP A 13 -7.78 4.45 54.62
CA ASP A 13 -8.95 3.55 54.50
C ASP A 13 -9.69 3.91 53.21
N LYS A 14 -9.73 5.21 52.85
CA LYS A 14 -10.41 5.74 51.62
C LYS A 14 -9.61 5.29 50.41
N MET A 15 -8.30 5.48 50.43
CA MET A 15 -7.32 5.12 49.38
C MET A 15 -7.42 3.61 49.10
N LEU A 16 -7.34 2.80 50.14
CA LEU A 16 -7.34 1.32 50.01
C LEU A 16 -8.64 0.87 49.35
N ALA A 17 -9.78 1.45 49.75
CA ALA A 17 -11.11 1.04 49.22
C ALA A 17 -11.24 1.50 47.76
N ALA A 18 -10.71 2.69 47.45
CA ALA A 18 -10.71 3.29 46.10
C ALA A 18 -9.92 2.39 45.16
N GLU A 19 -8.70 2.05 45.58
CA GLU A 19 -7.79 1.12 44.87
C GLU A 19 -8.46 -0.22 44.60
N ALA A 20 -9.15 -0.79 45.58
CA ALA A 20 -9.81 -2.10 45.43
C ALA A 20 -10.94 -1.96 44.41
N ALA A 21 -11.72 -0.89 44.51
CA ALA A 21 -12.89 -0.62 43.65
C ALA A 21 -12.44 -0.37 42.20
N ASN A 22 -11.35 0.38 42.02
CA ASN A 22 -10.79 0.65 40.68
C ASN A 22 -10.38 -0.68 40.04
N ARG A 23 -9.64 -1.50 40.80
CA ARG A 23 -9.16 -2.85 40.39
C ARG A 23 -10.33 -3.75 39.94
N ASP A 24 -11.38 -3.81 40.73
CA ASP A 24 -12.55 -4.68 40.48
C ASP A 24 -13.24 -4.19 39.21
N HIS A 25 -13.40 -2.88 39.08
CA HIS A 25 -14.01 -2.25 37.88
C HIS A 25 -13.18 -2.58 36.63
N VAL A 26 -11.84 -2.55 36.73
CA VAL A 26 -10.96 -2.88 35.59
C VAL A 26 -11.07 -4.38 35.29
N THR A 27 -10.96 -5.25 36.30
CA THR A 27 -10.89 -6.72 36.09
C THR A 27 -12.25 -7.21 35.54
N ARG A 28 -13.39 -6.73 36.04
CA ARG A 28 -14.72 -7.11 35.50
C ARG A 28 -14.73 -6.75 34.02
N CYS A 29 -14.27 -5.56 33.73
CA CYS A 29 -14.30 -5.06 32.35
C CYS A 29 -13.38 -5.93 31.46
N VAL A 30 -12.19 -6.31 31.93
CA VAL A 30 -11.23 -7.08 31.10
C VAL A 30 -11.85 -8.47 30.84
N ALA A 31 -12.39 -9.07 31.88
CA ALA A 31 -13.04 -10.39 31.85
C ALA A 31 -14.21 -10.39 30.87
N GLN A 32 -15.19 -9.48 30.99
CA GLN A 32 -16.42 -9.46 30.14
C GLN A 32 -16.07 -9.22 28.67
N THR A 33 -14.93 -8.63 28.29
CA THR A 33 -14.64 -8.41 26.85
C THR A 33 -13.75 -9.53 26.31
N GLY A 34 -13.49 -10.59 27.09
CA GLY A 34 -12.76 -11.78 26.59
C GLY A 34 -11.33 -11.92 27.09
N GLY A 35 -10.86 -11.04 27.99
CA GLY A 35 -9.51 -11.16 28.56
C GLY A 35 -9.28 -12.52 29.21
N SER A 36 -8.12 -13.10 28.95
CA SER A 36 -7.69 -14.39 29.55
C SER A 36 -7.33 -14.17 31.01
N PRO A 37 -7.29 -15.23 31.86
CA PRO A 37 -6.91 -15.06 33.27
C PRO A 37 -5.56 -14.32 33.44
N ASP A 38 -4.57 -14.65 32.61
CA ASP A 38 -3.21 -14.03 32.60
C ASP A 38 -3.34 -12.51 32.36
N LEU A 39 -4.18 -12.09 31.40
CA LEU A 39 -4.39 -10.65 31.11
C LEU A 39 -5.17 -9.99 32.26
N VAL A 40 -6.20 -10.65 32.79
CA VAL A 40 -6.94 -10.12 33.97
C VAL A 40 -5.92 -9.90 35.09
N ALA A 41 -5.11 -10.90 35.43
CA ALA A 41 -4.15 -10.83 36.57
C ALA A 41 -3.14 -9.71 36.34
N HIS A 42 -2.68 -9.56 35.11
CA HIS A 42 -1.66 -8.56 34.73
C HIS A 42 -2.16 -7.15 35.08
N THR A 43 -3.45 -6.97 34.86
CA THR A 43 -4.27 -5.75 34.99
C THR A 43 -4.44 -5.46 36.48
N ALA A 44 -4.73 -6.50 37.26
CA ALA A 44 -4.91 -6.46 38.73
C ALA A 44 -3.59 -6.13 39.44
N ALA A 45 -2.46 -6.44 38.82
CA ALA A 45 -1.10 -6.18 39.37
C ALA A 45 -0.62 -4.74 39.12
N LEU A 46 -1.41 -3.87 38.48
CA LEU A 46 -0.98 -2.48 38.20
C LEU A 46 -1.32 -1.61 39.40
N ARG A 47 -0.71 -1.87 40.55
CA ARG A 47 -1.00 -1.24 41.86
C ARG A 47 -1.04 0.29 41.82
N LEU A 48 0.06 0.96 41.52
CA LEU A 48 0.12 2.44 41.58
C LEU A 48 -0.82 3.02 40.52
N TYR A 49 -0.91 2.43 39.34
CA TYR A 49 -1.77 2.92 38.23
C TYR A 49 -3.25 2.84 38.63
N LEU A 50 -3.63 1.92 39.52
CA LEU A 50 -5.03 1.81 39.98
C LEU A 50 -5.29 2.75 41.15
N ARG A 51 -4.21 3.12 41.87
CA ARG A 51 -4.22 3.92 43.11
C ARG A 51 -4.18 5.41 42.74
N VAL A 52 -3.39 5.79 41.75
CA VAL A 52 -3.14 7.23 41.42
C VAL A 52 -4.45 7.97 41.09
N PRO A 53 -5.49 7.37 40.47
CA PRO A 53 -6.77 8.09 40.29
C PRO A 53 -7.41 8.61 41.59
N HIS A 54 -7.14 7.94 42.72
CA HIS A 54 -7.63 8.42 44.03
C HIS A 54 -6.97 9.75 44.40
N PHE A 55 -5.67 9.90 44.10
CA PHE A 55 -4.91 11.12 44.41
C PHE A 55 -5.46 12.25 43.55
N LEU A 56 -5.81 11.95 42.30
CA LEU A 56 -6.18 12.97 41.28
C LEU A 56 -7.57 13.47 41.62
N THR A 57 -8.36 12.70 42.36
CA THR A 57 -9.78 13.03 42.66
C THR A 57 -9.88 13.57 44.08
N GLU A 58 -8.76 13.94 44.69
CA GLU A 58 -8.76 14.35 46.12
C GLU A 58 -9.57 15.64 46.30
N TRP A 59 -9.74 16.45 45.25
CA TRP A 59 -10.46 17.75 45.29
C TRP A 59 -11.95 17.53 45.10
N THR A 60 -12.41 16.29 44.84
CA THR A 60 -13.84 16.01 44.55
C THR A 60 -14.60 15.75 45.85
N THR A 61 -15.54 16.64 46.23
CA THR A 61 -16.19 16.57 47.58
C THR A 61 -17.32 15.54 47.58
N ASP A 62 -18.12 15.42 46.51
CA ASP A 62 -19.20 14.38 46.47
C ASP A 62 -18.57 13.00 46.39
N PRO A 63 -18.73 12.14 47.42
CA PRO A 63 -18.04 10.85 47.46
C PRO A 63 -18.49 9.89 46.35
N ASP A 64 -19.74 9.98 45.89
CA ASP A 64 -20.25 9.11 44.79
C ASP A 64 -19.59 9.55 43.46
N ARG A 65 -19.58 10.86 43.18
CA ARG A 65 -18.91 11.39 41.98
C ARG A 65 -17.44 10.98 42.02
N ARG A 66 -16.79 11.12 43.17
CA ARG A 66 -15.34 10.86 43.28
C ARG A 66 -15.04 9.39 42.91
N ALA A 67 -15.82 8.43 43.42
CA ALA A 67 -15.63 6.99 43.13
C ALA A 67 -15.86 6.73 41.63
N ALA A 68 -16.81 7.43 41.01
CA ALA A 68 -17.12 7.23 39.58
C ALA A 68 -16.01 7.84 38.68
N VAL A 69 -15.45 8.99 39.02
CA VAL A 69 -14.34 9.59 38.23
C VAL A 69 -13.08 8.73 38.41
N SER A 70 -12.83 8.27 39.63
CA SER A 70 -11.62 7.51 39.99
C SER A 70 -11.56 6.23 39.14
N ARG A 71 -12.67 5.48 39.09
CA ARG A 71 -12.66 4.18 38.35
C ARG A 71 -12.67 4.42 36.82
N ALA A 72 -13.32 5.47 36.31
CA ALA A 72 -13.24 5.88 34.88
C ALA A 72 -11.78 6.20 34.50
N LEU A 73 -11.06 6.95 35.32
CA LEU A 73 -9.61 7.25 35.08
C LEU A 73 -8.79 5.95 35.12
N ALA A 74 -9.11 5.04 36.04
CA ALA A 74 -8.42 3.74 36.16
C ALA A 74 -8.59 2.96 34.85
N LEU A 75 -9.78 2.95 34.27
CA LEU A 75 -9.95 2.22 32.99
C LEU A 75 -9.00 2.77 31.92
N ASP A 76 -8.87 4.11 31.77
CA ASP A 76 -8.10 4.67 30.65
C ASP A 76 -6.62 4.48 30.96
N ILE A 77 -6.20 4.76 32.18
CA ILE A 77 -4.77 4.58 32.56
C ILE A 77 -4.39 3.13 32.28
N VAL A 78 -5.22 2.15 32.64
CA VAL A 78 -4.86 0.71 32.42
C VAL A 78 -4.81 0.46 30.91
N SER A 79 -5.75 1.04 30.19
CA SER A 79 -5.79 0.92 28.72
C SER A 79 -4.47 1.37 28.08
N MET A 80 -3.98 2.54 28.49
CA MET A 80 -2.71 3.13 27.99
C MET A 80 -1.53 2.27 28.44
N LYS A 81 -1.63 1.65 29.63
CA LYS A 81 -0.59 0.70 30.05
C LYS A 81 -0.58 -0.51 29.13
N LEU A 82 -1.73 -1.07 28.72
CA LEU A 82 -1.75 -2.25 27.79
C LEU A 82 -1.23 -1.83 26.40
N LEU A 83 -1.52 -0.63 25.92
CA LEU A 83 -1.02 -0.13 24.62
C LEU A 83 0.50 -0.09 24.70
N ASP A 84 1.00 0.30 25.87
CA ASP A 84 2.45 0.39 26.14
C ASP A 84 3.01 -1.03 26.20
N ASP A 85 2.28 -2.00 26.73
CA ASP A 85 2.73 -3.42 26.74
C ASP A 85 2.82 -3.92 25.29
N LEU A 86 1.90 -3.45 24.46
CA LEU A 86 1.76 -3.87 23.05
C LEU A 86 2.93 -3.32 22.22
N MET A 87 3.49 -2.15 22.56
CA MET A 87 4.56 -1.58 21.72
C MET A 87 5.93 -2.17 22.10
N ASP A 88 6.14 -2.56 23.36
CA ASP A 88 7.38 -3.21 23.85
C ASP A 88 7.40 -4.71 23.49
N ASP A 89 6.22 -5.30 23.26
CA ASP A 89 5.94 -6.75 23.07
C ASP A 89 6.83 -7.66 23.93
N ASP A 90 6.81 -7.52 25.27
CA ASP A 90 7.77 -8.20 26.17
C ASP A 90 7.07 -8.84 27.38
N THR A 91 5.75 -9.00 27.38
CA THR A 91 4.97 -9.52 28.53
C THR A 91 4.71 -11.02 28.37
N GLY A 92 4.90 -11.56 27.16
CA GLY A 92 4.45 -12.91 26.81
C GLY A 92 2.94 -13.00 26.74
N LEU A 93 2.24 -11.85 26.76
CA LEU A 93 0.76 -11.81 26.63
C LEU A 93 0.38 -11.85 25.14
N ASP A 94 -0.77 -12.49 24.88
CA ASP A 94 -1.45 -12.50 23.57
C ASP A 94 -1.71 -11.07 23.12
N ARG A 95 -1.05 -10.66 22.03
CA ARG A 95 -1.16 -9.31 21.44
C ARG A 95 -2.60 -9.01 20.98
N VAL A 96 -3.38 -10.01 20.61
CA VAL A 96 -4.78 -9.78 20.15
C VAL A 96 -5.61 -9.33 21.36
N GLU A 97 -5.54 -10.10 22.43
CA GLU A 97 -6.15 -9.76 23.73
C GLU A 97 -5.70 -8.35 24.17
N LEU A 98 -4.39 -8.11 24.16
CA LEU A 98 -3.80 -6.83 24.63
C LEU A 98 -4.51 -5.71 23.88
N ALA A 99 -4.58 -5.85 22.57
CA ALA A 99 -5.04 -4.77 21.68
C ALA A 99 -6.54 -4.63 21.87
N CYS A 100 -7.26 -5.73 21.97
CA CYS A 100 -8.75 -5.67 22.00
C CYS A 100 -9.24 -5.13 23.35
N VAL A 101 -8.63 -5.59 24.44
CA VAL A 101 -8.94 -5.12 25.81
C VAL A 101 -8.50 -3.67 25.95
N CYS A 102 -7.32 -3.31 25.42
CA CYS A 102 -6.86 -1.91 25.37
C CYS A 102 -7.99 -0.99 24.84
N LEU A 103 -8.53 -1.30 23.65
CA LEU A 103 -9.60 -0.51 23.00
C LEU A 103 -10.87 -0.53 23.86
N ARG A 104 -11.32 -1.71 24.26
CA ARG A 104 -12.53 -1.84 25.12
C ARG A 104 -12.37 -0.95 26.37
N LEU A 105 -11.29 -1.02 27.14
CA LEU A 105 -11.19 -0.25 28.40
C LEU A 105 -11.31 1.25 28.10
N HIS A 106 -10.64 1.68 27.03
CA HIS A 106 -10.49 3.10 26.61
C HIS A 106 -11.85 3.64 26.21
N LEU A 107 -12.58 2.86 25.43
CA LEU A 107 -13.93 3.32 24.97
C LEU A 107 -14.89 3.39 26.16
N ARG A 108 -14.82 2.48 27.13
CA ARG A 108 -15.61 2.55 28.40
C ARG A 108 -15.25 3.83 29.16
N ALA A 109 -13.96 4.13 29.30
CA ALA A 109 -13.48 5.31 30.02
C ALA A 109 -14.05 6.55 29.35
N LEU A 110 -13.93 6.65 28.02
CA LEU A 110 -14.50 7.81 27.27
C LEU A 110 -15.94 7.98 27.71
N HIS A 111 -16.69 6.89 27.72
CA HIS A 111 -18.14 6.93 28.02
C HIS A 111 -18.34 7.35 29.48
N GLU A 112 -17.60 6.76 30.41
CA GLU A 112 -17.81 7.06 31.84
C GLU A 112 -17.40 8.52 32.09
N LEU A 113 -16.24 8.97 31.59
CA LEU A 113 -15.82 10.37 31.75
C LEU A 113 -16.81 11.33 31.09
N GLU A 114 -17.30 11.05 29.89
CA GLU A 114 -18.18 12.02 29.18
C GLU A 114 -19.51 12.17 29.93
N SER A 115 -19.98 11.11 30.60
CA SER A 115 -21.26 11.11 31.36
C SER A 115 -21.12 11.82 32.73
N LEU A 116 -19.90 12.19 33.15
CA LEU A 116 -19.62 12.88 34.44
C LEU A 116 -19.18 14.33 34.19
N ALA A 117 -18.61 14.62 33.03
CA ALA A 117 -18.11 15.96 32.64
C ALA A 117 -19.25 16.96 32.67
N ARG A 118 -19.00 18.19 33.16
CA ARG A 118 -19.93 19.34 32.99
C ARG A 118 -20.26 19.45 31.50
N ASP A 119 -19.20 19.52 30.69
CA ASP A 119 -19.31 19.62 29.21
C ASP A 119 -18.67 18.40 28.58
N PRO A 120 -19.43 17.41 28.06
CA PRO A 120 -18.83 16.20 27.49
C PRO A 120 -17.66 16.49 26.53
N LYS A 121 -17.74 17.56 25.71
CA LYS A 121 -16.68 18.03 24.78
C LYS A 121 -15.30 18.20 25.47
N ALA A 122 -15.26 18.58 26.74
CA ALA A 122 -14.02 18.85 27.49
C ALA A 122 -13.14 17.59 27.55
N VAL A 123 -13.73 16.41 27.52
CA VAL A 123 -12.94 15.15 27.53
C VAL A 123 -12.08 15.08 26.27
N THR A 124 -12.70 15.30 25.10
CA THR A 124 -11.98 15.20 23.80
C THR A 124 -11.05 16.41 23.62
N ASP A 125 -11.36 17.56 24.24
CA ASP A 125 -10.50 18.78 24.23
C ASP A 125 -9.19 18.44 24.93
N ILE A 126 -9.29 17.93 26.16
CA ILE A 126 -8.10 17.63 27.00
C ILE A 126 -7.26 16.55 26.28
N LEU A 127 -7.89 15.49 25.79
CA LEU A 127 -7.14 14.39 25.12
C LEU A 127 -6.50 14.89 23.80
N GLU A 128 -7.11 15.80 23.05
CA GLU A 128 -6.50 16.32 21.78
C GLU A 128 -5.40 17.38 22.02
N GLN A 129 -5.59 18.27 23.00
N GLN A 129 -5.62 18.27 22.98
CA GLN A 129 -4.78 19.50 23.25
CA GLN A 129 -4.80 19.49 23.33
C GLN A 129 -3.28 19.22 23.12
C GLN A 129 -3.29 19.22 23.14
N ASP A 130 -2.79 18.20 23.80
CA ASP A 130 -1.34 17.88 23.76
C ASP A 130 -1.14 16.41 23.31
N ALA A 131 -2.07 15.85 22.53
CA ALA A 131 -1.91 14.50 21.96
C ALA A 131 -0.58 14.40 21.23
N VAL A 132 -0.23 15.42 20.43
CA VAL A 132 1.04 15.42 19.65
C VAL A 132 2.25 15.49 20.60
N HIS A 133 2.21 16.37 21.60
CA HIS A 133 3.27 16.46 22.63
C HIS A 133 3.46 15.09 23.28
N LEU A 134 2.38 14.41 23.68
CA LEU A 134 2.45 13.10 24.36
C LEU A 134 2.93 12.01 23.38
N CYS A 135 2.34 11.90 22.19
CA CYS A 135 2.57 10.75 21.25
C CYS A 135 3.89 10.95 20.51
N GLY A 136 4.16 12.17 20.05
CA GLY A 136 5.45 12.49 19.41
C GLY A 136 6.55 12.37 20.44
N GLY A 137 6.22 12.69 21.69
CA GLY A 137 7.14 12.62 22.84
C GLY A 137 7.59 11.20 23.10
N GLN A 138 6.66 10.25 23.13
CA GLN A 138 6.98 8.81 23.36
C GLN A 138 7.84 8.30 22.19
N ILE A 139 7.60 8.75 20.97
CA ILE A 139 8.43 8.29 19.81
C ILE A 139 9.88 8.76 20.04
N ARG A 140 10.10 10.05 20.36
CA ARG A 140 11.46 10.64 20.55
C ARG A 140 12.16 9.96 21.73
N THR A 141 11.41 9.56 22.77
CA THR A 141 11.96 8.90 23.99
C THR A 141 12.63 7.58 23.65
N LYS A 142 11.97 6.76 22.83
CA LYS A 142 12.38 5.38 22.47
C LYS A 142 13.38 5.41 21.30
N ARG A 143 13.51 6.54 20.61
CA ARG A 143 14.50 6.76 19.51
C ARG A 143 15.89 7.00 20.13
N SER A 144 16.07 8.19 20.70
CA SER A 144 17.33 8.71 21.29
C SER A 144 17.25 8.60 22.81
N ARG A 145 18.03 7.71 23.40
CA ARG A 145 18.10 7.49 24.87
C ARG A 145 18.87 8.63 25.54
N ALA A 146 18.46 8.99 26.77
CA ALA A 146 19.04 10.06 27.62
C ALA A 146 20.48 9.71 28.02
N THR A 147 21.36 10.71 28.16
CA THR A 147 22.80 10.57 28.50
C THR A 147 23.18 11.49 29.66
N ASN A 148 22.21 12.22 30.22
CA ASN A 148 22.38 13.09 31.43
C ASN A 148 21.00 13.40 32.02
N LEU A 149 20.95 14.07 33.16
CA LEU A 149 19.69 14.31 33.88
C LEU A 149 18.82 15.24 33.04
N ARG A 150 19.42 16.23 32.37
CA ARG A 150 18.67 17.21 31.53
C ARG A 150 17.83 16.45 30.51
N GLU A 151 18.42 15.48 29.79
CA GLU A 151 17.70 14.74 28.72
C GLU A 151 16.67 13.79 29.36
N TRP A 152 17.04 13.14 30.46
CA TRP A 152 16.11 12.19 31.16
C TRP A 152 14.81 12.92 31.56
N ARG A 153 14.94 14.12 32.12
CA ARG A 153 13.81 14.89 32.69
C ARG A 153 12.93 15.36 31.52
N ALA A 154 13.56 15.72 30.40
CA ALA A 154 12.88 16.23 29.18
C ALA A 154 11.96 15.12 28.68
N HIS A 155 12.48 13.89 28.61
CA HIS A 155 11.73 12.69 28.13
C HIS A 155 10.65 12.32 29.14
N ALA A 156 11.00 12.26 30.43
CA ALA A 156 10.06 11.92 31.52
C ALA A 156 8.94 12.98 31.60
N SER A 157 9.17 14.19 31.08
CA SER A 157 8.10 15.24 31.06
C SER A 157 6.95 14.83 30.12
N THR A 158 7.20 13.99 29.11
CA THR A 158 6.14 13.54 28.14
C THR A 158 5.46 12.27 28.70
N TYR A 159 6.14 11.14 28.72
CA TYR A 159 5.47 9.85 29.04
C TYR A 159 5.10 9.84 30.54
N GLY A 160 5.72 10.71 31.36
CA GLY A 160 5.35 10.81 32.79
C GLY A 160 4.41 11.97 33.00
N SER A 161 4.93 13.19 32.92
CA SER A 161 4.19 14.40 33.41
C SER A 161 2.99 14.71 32.53
N THR A 162 3.16 14.78 31.21
CA THR A 162 2.06 15.10 30.27
C THR A 162 1.01 13.99 30.37
N PHE A 163 1.50 12.75 30.41
CA PHE A 163 0.65 11.55 30.61
C PHE A 163 -0.27 11.72 31.85
N LEU A 164 0.24 11.98 33.05
CA LEU A 164 -0.64 12.12 34.23
C LEU A 164 -1.36 13.49 34.25
N GLY A 165 -0.72 14.52 33.71
CA GLY A 165 -1.28 15.89 33.61
C GLY A 165 -2.67 15.85 33.00
N ARG A 166 -2.80 15.09 31.92
CA ARG A 166 -4.08 14.90 31.19
C ARG A 166 -5.14 14.30 32.12
N TYR A 167 -4.80 13.28 32.91
CA TYR A 167 -5.77 12.64 33.83
C TYR A 167 -6.09 13.66 34.95
N GLY A 168 -5.12 14.49 35.35
CA GLY A 168 -5.41 15.59 36.29
C GLY A 168 -6.51 16.49 35.75
N ALA A 169 -6.34 16.90 34.50
CA ALA A 169 -7.26 17.84 33.84
C ALA A 169 -8.62 17.17 33.72
N LEU A 170 -8.64 15.87 33.43
CA LEU A 170 -9.92 15.13 33.28
C LEU A 170 -10.60 15.02 34.64
N ALA A 171 -9.87 14.77 35.72
CA ALA A 171 -10.48 14.69 37.08
C ALA A 171 -11.13 16.03 37.43
N ALA A 172 -10.56 17.15 37.00
CA ALA A 172 -11.09 18.48 37.32
C ALA A 172 -12.30 18.72 36.45
N ALA A 173 -12.23 18.28 35.20
CA ALA A 173 -13.35 18.47 34.26
C ALA A 173 -14.57 17.64 34.69
N CYS A 174 -14.37 16.49 35.32
CA CYS A 174 -15.51 15.60 35.66
C CYS A 174 -15.74 15.57 37.16
N GLY A 175 -15.01 16.36 37.93
CA GLY A 175 -15.16 16.25 39.39
C GLY A 175 -16.04 17.31 40.02
N GLY A 176 -16.79 18.07 39.26
CA GLY A 176 -17.60 19.11 39.92
C GLY A 176 -16.89 20.44 39.87
N GLU A 177 -17.66 21.53 39.87
CA GLU A 177 -17.10 22.89 39.71
C GLU A 177 -16.34 23.35 40.97
N GLY A 178 -15.50 24.36 40.80
CA GLY A 178 -14.72 24.91 41.93
C GLY A 178 -13.30 24.39 41.93
N GLN A 179 -13.08 23.15 41.47
CA GLN A 179 -11.74 22.53 41.42
C GLN A 179 -10.75 23.46 40.73
N PRO A 180 -9.54 23.67 41.28
CA PRO A 180 -8.55 24.52 40.66
C PRO A 180 -7.84 23.67 39.60
N ALA A 181 -8.44 23.56 38.43
CA ALA A 181 -7.94 22.73 37.30
C ALA A 181 -6.43 22.87 37.07
N ASP A 182 -5.89 24.08 37.01
CA ASP A 182 -4.43 24.27 36.77
C ASP A 182 -3.62 23.64 37.91
N SER A 183 -4.07 23.73 39.15
CA SER A 183 -3.33 23.18 40.31
C SER A 183 -3.46 21.65 40.30
N VAL A 184 -4.62 21.11 39.90
CA VAL A 184 -4.77 19.63 39.82
C VAL A 184 -3.73 19.10 38.82
N ARG A 185 -3.63 19.71 37.67
CA ARG A 185 -2.70 19.27 36.60
C ARG A 185 -1.25 19.43 37.11
N GLU A 186 -0.94 20.57 37.69
CA GLU A 186 0.39 20.91 38.27
C GLU A 186 0.76 19.79 39.23
N PHE A 187 -0.16 19.40 40.13
CA PHE A 187 0.05 18.28 41.08
C PHE A 187 0.41 17.02 40.28
N ALA A 188 -0.39 16.68 39.26
CA ALA A 188 -0.26 15.42 38.50
C ALA A 188 1.12 15.37 37.81
N GLU A 189 1.53 16.49 37.22
CA GLU A 189 2.80 16.59 36.46
C GLU A 189 3.99 16.42 37.39
N ALA A 190 3.95 17.00 38.58
CA ALA A 190 5.05 16.90 39.57
C ALA A 190 5.09 15.47 40.14
N PHE A 191 3.95 14.99 40.61
CA PHE A 191 3.83 13.65 41.22
C PHE A 191 4.27 12.62 40.18
N ALA A 192 3.81 12.78 38.94
CA ALA A 192 4.13 11.80 37.87
C ALA A 192 5.65 11.66 37.76
N MET A 193 6.40 12.75 37.88
CA MET A 193 7.84 12.63 37.61
C MET A 193 8.54 11.95 38.79
N THR A 194 8.17 12.25 40.04
CA THR A 194 8.60 11.50 41.26
C THR A 194 8.42 9.99 41.01
N ILE A 195 7.20 9.55 40.65
CA ILE A 195 6.92 8.09 40.55
C ILE A 195 7.58 7.51 39.28
N THR A 196 7.78 8.30 38.23
CA THR A 196 8.53 7.87 37.02
C THR A 196 9.99 7.62 37.40
N MET A 197 10.63 8.52 38.14
CA MET A 197 11.98 8.28 38.72
C MET A 197 11.97 6.97 39.53
N ALA A 198 10.96 6.77 40.37
CA ALA A 198 10.87 5.63 41.28
C ALA A 198 10.89 4.38 40.43
N ASP A 199 9.98 4.33 39.47
CA ASP A 199 9.85 3.21 38.53
C ASP A 199 11.20 2.94 37.86
N ASP A 200 11.87 3.97 37.38
CA ASP A 200 13.17 3.88 36.71
C ASP A 200 14.17 3.15 37.62
N LEU A 201 14.24 3.53 38.90
CA LEU A 201 15.25 3.04 39.89
C LEU A 201 14.82 1.71 40.52
N THR A 202 13.61 1.24 40.21
CA THR A 202 13.05 -0.07 40.64
C THR A 202 13.22 -1.07 39.47
N ASP A 203 12.81 -0.64 38.26
CA ASP A 203 12.77 -1.40 36.97
C ASP A 203 14.14 -1.57 36.29
N TYR A 204 15.25 -1.22 36.96
CA TYR A 204 16.65 -1.49 36.50
C TYR A 204 17.00 -2.97 36.73
N ASP A 205 16.71 -3.46 37.94
CA ASP A 205 17.02 -4.85 38.37
C ASP A 205 15.87 -5.77 37.93
N ARG A 206 14.62 -5.30 38.06
CA ARG A 206 13.38 -6.02 37.65
C ARG A 206 13.05 -5.72 36.16
N ASP A 211 19.75 1.76 29.12
CA ASP A 211 19.74 2.51 27.82
C ASP A 211 18.78 3.68 27.96
N GLY A 212 19.16 4.73 28.72
CA GLY A 212 18.33 5.92 29.02
C GLY A 212 17.68 5.83 30.39
N ASN A 213 17.86 4.69 31.07
CA ASN A 213 17.49 4.44 32.48
C ASN A 213 18.33 5.37 33.35
N LEU A 214 17.65 6.14 34.20
CA LEU A 214 18.26 7.03 35.22
C LEU A 214 19.15 6.19 36.15
N ALA A 215 18.71 4.98 36.49
CA ALA A 215 19.47 3.98 37.28
C ALA A 215 20.85 3.74 36.65
N HIS A 216 20.88 3.45 35.34
CA HIS A 216 22.12 3.15 34.59
C HIS A 216 23.05 4.35 34.61
N LEU A 217 22.53 5.54 34.28
CA LEU A 217 23.29 6.81 34.25
C LEU A 217 23.83 7.12 35.64
N MET A 218 23.08 6.77 36.69
CA MET A 218 23.54 7.02 38.08
C MET A 218 24.75 6.14 38.38
N ARG A 219 24.70 4.88 37.90
CA ARG A 219 25.67 3.80 38.22
C ARG A 219 26.94 3.99 37.39
N THR A 220 26.83 4.36 36.10
CA THR A 220 27.98 4.71 35.23
C THR A 220 28.57 6.08 35.61
N GLY A 221 27.84 6.95 36.31
CA GLY A 221 28.33 8.28 36.76
C GLY A 221 28.02 9.41 35.78
N ALA A 222 27.28 9.17 34.70
CA ALA A 222 26.69 10.20 33.82
C ALA A 222 25.78 11.18 34.60
N VAL A 223 25.16 10.73 35.69
CA VAL A 223 24.27 11.56 36.56
C VAL A 223 24.77 11.45 37.99
N ALA A 224 24.77 12.56 38.72
CA ALA A 224 25.31 12.68 40.09
C ALA A 224 24.16 12.54 41.10
N GLY A 225 24.37 11.77 42.18
CA GLY A 225 23.36 11.54 43.23
C GLY A 225 22.73 12.85 43.72
N GLN A 226 23.52 13.91 43.93
CA GLN A 226 23.03 15.18 44.55
C GLN A 226 22.04 15.83 43.57
N ASP A 227 22.31 15.75 42.27
CA ASP A 227 21.36 16.30 41.25
C ASP A 227 20.00 15.59 41.37
N VAL A 228 19.99 14.27 41.50
CA VAL A 228 18.74 13.48 41.62
C VAL A 228 18.01 13.93 42.89
N VAL A 229 18.73 14.10 44.00
CA VAL A 229 18.12 14.59 45.27
C VAL A 229 17.46 15.96 45.02
N ASP A 230 18.11 16.83 44.26
CA ASP A 230 17.64 18.23 44.05
C ASP A 230 16.35 18.20 43.22
N LEU A 231 16.33 17.39 42.16
CA LEU A 231 15.14 17.21 41.30
C LEU A 231 13.98 16.73 42.16
N LEU A 232 14.23 15.74 43.02
CA LEU A 232 13.19 15.12 43.87
C LEU A 232 12.65 16.22 44.79
N GLU A 233 13.52 17.03 45.37
CA GLU A 233 13.13 18.13 46.29
C GLU A 233 12.37 19.20 45.50
N GLU A 234 12.73 19.43 44.23
CA GLU A 234 12.03 20.42 43.39
C GLU A 234 10.60 19.91 43.16
N LEU A 235 10.49 18.63 42.81
CA LEU A 235 9.19 18.01 42.50
C LEU A 235 8.32 17.96 43.78
N ARG A 236 8.93 17.74 44.92
CA ARG A 236 8.19 17.71 46.20
C ARG A 236 7.57 19.09 46.40
N GLY A 237 8.41 20.10 46.24
CA GLY A 237 8.01 21.50 46.41
C GLY A 237 6.91 21.86 45.45
N ARG A 238 7.02 21.43 44.17
CA ARG A 238 6.02 21.78 43.12
C ARG A 238 4.70 21.12 43.49
N ALA A 239 4.73 19.90 44.01
CA ALA A 239 3.51 19.14 44.36
C ALA A 239 2.84 19.77 45.59
N LEU A 240 3.63 20.16 46.58
CA LEU A 240 3.08 20.81 47.80
C LEU A 240 2.47 22.17 47.43
N ALA A 241 3.12 22.96 46.58
CA ALA A 241 2.52 24.25 46.21
C ALA A 241 1.15 24.01 45.53
N ALA A 242 1.04 22.99 44.67
CA ALA A 242 -0.14 22.79 43.82
C ALA A 242 -1.34 22.45 44.72
N VAL A 243 -1.13 21.68 45.79
CA VAL A 243 -2.21 21.17 46.69
C VAL A 243 -2.56 22.23 47.77
N ALA A 244 -1.82 23.34 47.85
CA ALA A 244 -2.08 24.48 48.78
C ALA A 244 -2.84 25.60 48.05
N ALA A 245 -3.01 25.52 46.72
CA ALA A 245 -3.85 26.46 45.95
C ALA A 245 -5.31 26.26 46.37
N PRO A 246 -6.10 27.35 46.48
CA PRO A 246 -7.48 27.23 46.92
C PRO A 246 -8.39 26.53 45.91
N PRO A 247 -9.36 25.70 46.35
CA PRO A 247 -9.62 25.44 47.76
C PRO A 247 -8.47 24.77 48.54
N GLY A 248 -7.85 23.73 47.97
CA GLY A 248 -6.76 23.02 48.66
C GLY A 248 -7.06 21.54 48.81
N ALA A 249 -6.05 20.70 48.66
CA ALA A 249 -6.16 19.24 48.88
C ALA A 249 -5.15 18.84 49.94
N PRO A 250 -5.39 19.21 51.21
CA PRO A 250 -4.44 18.92 52.30
C PRO A 250 -4.16 17.41 52.43
N GLY A 251 -5.13 16.56 52.09
CA GLY A 251 -4.99 15.07 52.10
C GLY A 251 -3.77 14.59 51.32
N LEU A 252 -3.34 15.33 50.28
CA LEU A 252 -2.24 14.92 49.38
C LEU A 252 -0.86 15.24 49.99
N VAL A 253 -0.78 16.05 51.04
CA VAL A 253 0.53 16.44 51.62
C VAL A 253 1.29 15.18 52.07
N PRO A 254 0.75 14.30 52.94
CA PRO A 254 1.50 13.11 53.35
C PRO A 254 1.83 12.23 52.14
N VAL A 255 0.96 12.23 51.10
CA VAL A 255 1.17 11.38 49.89
C VAL A 255 2.44 11.86 49.16
N VAL A 256 2.58 13.17 48.96
CA VAL A 256 3.76 13.71 48.24
C VAL A 256 5.02 13.28 49.00
N HIS A 257 5.02 13.42 50.33
CA HIS A 257 6.17 13.09 51.22
C HIS A 257 6.47 11.60 51.13
N LEU A 258 5.43 10.76 51.21
CA LEU A 258 5.59 9.28 51.21
C LEU A 258 6.38 8.86 49.97
N TYR A 259 5.91 9.23 48.77
CA TYR A 259 6.52 8.77 47.49
C TYR A 259 7.92 9.41 47.29
N THR A 260 8.09 10.68 47.66
CA THR A 260 9.41 11.37 47.54
C THR A 260 10.43 10.72 48.49
N ASP A 261 10.10 10.61 49.78
CA ASP A 261 11.02 10.09 50.84
C ASP A 261 11.41 8.65 50.45
N ASP A 262 10.46 7.88 49.94
CA ASP A 262 10.72 6.50 49.49
C ASP A 262 11.82 6.49 48.43
N VAL A 263 11.83 7.42 47.47
CA VAL A 263 12.90 7.44 46.43
C VAL A 263 14.23 7.81 47.12
N LEU A 264 14.21 8.77 48.03
CA LEU A 264 15.46 9.25 48.69
C LEU A 264 16.03 8.16 49.62
N VAL A 265 15.20 7.55 50.44
CA VAL A 265 15.64 6.66 51.54
C VAL A 265 15.89 5.24 51.02
N ARG A 266 14.99 4.68 50.20
CA ARG A 266 15.04 3.26 49.81
C ARG A 266 15.69 3.14 48.44
N LEU A 267 15.36 3.96 47.44
CA LEU A 267 15.83 3.64 46.07
C LEU A 267 17.18 4.24 45.71
N LEU A 268 17.51 5.45 46.16
CA LEU A 268 18.76 6.15 45.74
C LEU A 268 19.97 5.34 46.19
N PRO A 269 20.03 4.88 47.45
CA PRO A 269 21.17 4.10 47.92
C PRO A 269 21.42 2.82 47.12
N ARG A 270 20.45 2.37 46.33
CA ARG A 270 20.65 1.13 45.54
C ARG A 270 21.54 1.44 44.32
N HIS A 271 21.71 2.72 43.95
CA HIS A 271 22.45 3.10 42.71
C HIS A 271 23.75 3.89 43.01
N LEU A 272 24.00 4.25 44.27
CA LEU A 272 25.10 5.16 44.71
C LEU A 272 26.11 4.42 45.61
N VAL B 9 -16.01 16.68 -12.96
CA VAL B 9 -16.55 16.63 -11.55
C VAL B 9 -17.95 16.00 -11.58
N ASP B 10 -18.02 14.69 -11.87
CA ASP B 10 -19.17 13.78 -11.64
C ASP B 10 -18.91 13.01 -10.33
N ASP B 11 -19.54 11.85 -10.13
CA ASP B 11 -19.48 11.11 -8.83
C ASP B 11 -18.14 10.37 -8.71
N ASP B 12 -17.57 9.90 -9.82
CA ASP B 12 -16.23 9.22 -9.84
C ASP B 12 -15.12 10.22 -9.51
N ASP B 13 -15.24 11.47 -9.95
CA ASP B 13 -14.28 12.56 -9.67
C ASP B 13 -14.43 13.05 -8.23
N LYS B 14 -15.64 13.07 -7.65
CA LYS B 14 -15.86 13.47 -6.22
C LYS B 14 -15.24 12.42 -5.28
N MET B 15 -15.39 11.15 -5.65
CA MET B 15 -14.96 9.95 -4.90
C MET B 15 -13.42 9.88 -4.89
N LEU B 16 -12.77 10.12 -6.03
CA LEU B 16 -11.28 10.25 -6.08
C LEU B 16 -10.85 11.44 -5.24
N ALA B 17 -11.49 12.60 -5.38
CA ALA B 17 -11.03 13.81 -4.67
C ALA B 17 -11.14 13.55 -3.16
N ALA B 18 -12.19 12.87 -2.71
CA ALA B 18 -12.47 12.68 -1.28
C ALA B 18 -11.37 11.77 -0.68
N GLU B 19 -11.06 10.67 -1.35
CA GLU B 19 -9.95 9.76 -0.95
C GLU B 19 -8.64 10.57 -0.85
N ALA B 20 -8.32 11.38 -1.84
CA ALA B 20 -7.07 12.17 -1.90
C ALA B 20 -7.04 13.16 -0.73
N ALA B 21 -8.17 13.81 -0.41
CA ALA B 21 -8.30 14.79 0.70
C ALA B 21 -8.20 14.05 2.04
N ASN B 22 -8.82 12.87 2.16
CA ASN B 22 -8.65 12.03 3.36
C ASN B 22 -7.17 11.66 3.46
N ARG B 23 -6.55 11.21 2.37
CA ARG B 23 -5.11 10.84 2.36
C ARG B 23 -4.28 12.02 2.87
N ASP B 24 -4.49 13.21 2.33
CA ASP B 24 -3.77 14.44 2.77
C ASP B 24 -3.98 14.64 4.28
N HIS B 25 -5.23 14.67 4.77
CA HIS B 25 -5.48 14.92 6.21
C HIS B 25 -4.76 13.87 7.04
N VAL B 26 -4.79 12.59 6.64
CA VAL B 26 -4.25 11.47 7.46
C VAL B 26 -2.72 11.53 7.46
N THR B 27 -2.10 11.68 6.29
CA THR B 27 -0.61 11.63 6.16
C THR B 27 -0.03 12.84 6.90
N ARG B 28 -0.63 14.03 6.76
CA ARG B 28 -0.10 15.25 7.45
C ARG B 28 -0.10 14.97 8.96
N CYS B 29 -1.25 14.51 9.45
CA CYS B 29 -1.48 14.21 10.87
C CYS B 29 -0.49 13.13 11.36
N VAL B 30 -0.17 12.12 10.54
CA VAL B 30 0.87 11.11 10.92
C VAL B 30 2.24 11.78 10.99
N ALA B 31 2.61 12.56 9.97
CA ALA B 31 3.93 13.21 9.90
C ALA B 31 4.08 14.17 11.10
N GLN B 32 3.06 14.97 11.44
CA GLN B 32 3.13 15.99 12.53
C GLN B 32 3.38 15.28 13.86
N THR B 33 3.00 14.01 14.04
CA THR B 33 3.23 13.30 15.33
C THR B 33 4.58 12.59 15.38
N GLY B 34 5.38 12.66 14.31
CA GLY B 34 6.69 11.98 14.28
C GLY B 34 6.64 10.58 13.68
N GLY B 35 5.58 10.28 12.93
CA GLY B 35 5.54 9.08 12.08
C GLY B 35 6.62 9.18 11.03
N SER B 36 7.46 8.15 10.91
CA SER B 36 8.52 8.04 9.87
C SER B 36 7.92 8.01 8.46
N PRO B 37 8.70 8.33 7.40
CA PRO B 37 8.21 8.22 6.02
C PRO B 37 7.60 6.86 5.65
N ASP B 38 8.14 5.75 6.16
CA ASP B 38 7.59 4.40 5.84
C ASP B 38 6.14 4.33 6.34
N LEU B 39 5.90 4.79 7.57
CA LEU B 39 4.57 4.74 8.22
C LEU B 39 3.65 5.72 7.48
N VAL B 40 4.16 6.87 7.09
CA VAL B 40 3.33 7.78 6.26
C VAL B 40 2.91 7.05 4.98
N ALA B 41 3.82 6.31 4.36
CA ALA B 41 3.58 5.64 3.05
C ALA B 41 2.59 4.50 3.27
N HIS B 42 2.75 3.75 4.36
CA HIS B 42 1.74 2.72 4.78
C HIS B 42 0.30 3.31 4.82
N THR B 43 0.09 4.42 5.52
CA THR B 43 -1.28 4.97 5.68
C THR B 43 -1.75 5.50 4.31
N ALA B 44 -0.85 6.02 3.47
CA ALA B 44 -1.25 6.57 2.16
C ALA B 44 -1.77 5.43 1.27
N ALA B 45 -1.23 4.22 1.42
CA ALA B 45 -1.55 3.00 0.65
C ALA B 45 -2.91 2.42 1.06
N LEU B 46 -3.47 2.83 2.19
CA LEU B 46 -4.82 2.33 2.62
C LEU B 46 -5.94 2.95 1.77
N ARG B 47 -6.00 2.65 0.48
CA ARG B 47 -6.86 3.41 -0.48
C ARG B 47 -8.33 3.24 -0.10
N LEU B 48 -8.81 2.01 0.02
CA LEU B 48 -10.25 1.73 0.28
C LEU B 48 -10.66 2.26 1.68
N TYR B 49 -9.80 2.11 2.68
CA TYR B 49 -9.99 2.64 4.05
C TYR B 49 -10.18 4.16 3.94
N LEU B 50 -9.41 4.82 3.07
CA LEU B 50 -9.48 6.29 2.87
C LEU B 50 -10.70 6.68 2.06
N ARG B 51 -11.23 5.78 1.23
CA ARG B 51 -12.36 6.15 0.31
C ARG B 51 -13.69 5.89 1.01
N VAL B 52 -13.73 4.84 1.82
CA VAL B 52 -14.97 4.32 2.41
C VAL B 52 -15.73 5.45 3.10
N PRO B 53 -15.08 6.38 3.84
CA PRO B 53 -15.79 7.48 4.46
C PRO B 53 -16.63 8.30 3.47
N HIS B 54 -16.15 8.42 2.22
CA HIS B 54 -16.92 9.06 1.14
C HIS B 54 -18.26 8.33 0.99
N PHE B 55 -18.26 7.00 1.01
CA PHE B 55 -19.51 6.20 0.88
C PHE B 55 -20.45 6.47 2.07
N LEU B 56 -19.90 6.45 3.28
CA LEU B 56 -20.65 6.59 4.55
C LEU B 56 -21.27 7.98 4.64
N THR B 57 -20.65 9.01 4.06
CA THR B 57 -21.17 10.41 4.14
C THR B 57 -22.03 10.77 2.91
N GLU B 58 -22.43 9.82 2.08
CA GLU B 58 -23.09 10.10 0.78
C GLU B 58 -24.41 10.84 1.05
N TRP B 59 -25.04 10.66 2.21
CA TRP B 59 -26.37 11.24 2.56
C TRP B 59 -26.21 12.69 3.06
N THR B 60 -24.98 13.18 3.20
CA THR B 60 -24.76 14.53 3.77
C THR B 60 -24.93 15.60 2.70
N THR B 61 -25.88 16.51 2.92
CA THR B 61 -26.32 17.58 1.97
C THR B 61 -25.29 18.71 1.96
N ASP B 62 -24.79 19.14 3.12
CA ASP B 62 -23.80 20.24 3.18
C ASP B 62 -22.42 19.67 2.88
N PRO B 63 -21.79 20.10 1.76
CA PRO B 63 -20.50 19.55 1.36
C PRO B 63 -19.29 19.92 2.24
N ASP B 64 -19.35 21.04 2.96
CA ASP B 64 -18.26 21.43 3.90
C ASP B 64 -18.36 20.53 5.13
N ARG B 65 -19.58 20.18 5.51
CA ARG B 65 -19.79 19.23 6.62
C ARG B 65 -19.37 17.85 6.10
N ARG B 66 -19.74 17.53 4.85
CA ARG B 66 -19.42 16.20 4.30
C ARG B 66 -17.91 15.97 4.35
N ALA B 67 -17.10 16.88 3.82
CA ALA B 67 -15.65 16.73 3.74
C ALA B 67 -15.07 16.63 5.16
N ALA B 68 -15.64 17.36 6.14
CA ALA B 68 -15.11 17.35 7.53
C ALA B 68 -15.35 15.99 8.18
N VAL B 69 -16.57 15.49 8.06
CA VAL B 69 -16.96 14.17 8.63
C VAL B 69 -16.08 13.12 7.97
N SER B 70 -15.97 13.23 6.65
CA SER B 70 -15.31 12.20 5.83
C SER B 70 -13.87 12.04 6.34
N ARG B 71 -13.14 13.14 6.50
CA ARG B 71 -11.73 13.08 6.94
C ARG B 71 -11.65 12.60 8.41
N ALA B 72 -12.56 13.04 9.28
CA ALA B 72 -12.53 12.60 10.70
C ALA B 72 -12.72 11.09 10.75
N LEU B 73 -13.62 10.54 9.92
CA LEU B 73 -13.81 9.06 9.87
C LEU B 73 -12.51 8.41 9.36
N ALA B 74 -11.87 8.96 8.33
CA ALA B 74 -10.63 8.38 7.77
C ALA B 74 -9.59 8.26 8.88
N LEU B 75 -9.42 9.31 9.70
CA LEU B 75 -8.49 9.29 10.86
C LEU B 75 -8.69 8.08 11.78
N ASP B 76 -9.93 7.78 12.15
CA ASP B 76 -10.19 6.73 13.15
C ASP B 76 -10.11 5.36 12.47
N ILE B 77 -10.60 5.24 11.22
CA ILE B 77 -10.50 3.95 10.49
C ILE B 77 -9.02 3.57 10.39
N VAL B 78 -8.15 4.54 10.05
CA VAL B 78 -6.70 4.24 9.83
C VAL B 78 -6.05 3.88 11.16
N SER B 79 -6.34 4.66 12.19
CA SER B 79 -5.91 4.41 13.58
C SER B 79 -6.18 2.95 13.94
N MET B 80 -7.40 2.48 13.69
CA MET B 80 -7.80 1.10 14.04
C MET B 80 -7.07 0.10 13.13
N LYS B 81 -6.80 0.46 11.89
CA LYS B 81 -5.90 -0.32 11.01
C LYS B 81 -4.49 -0.39 11.62
N LEU B 82 -3.96 0.71 12.11
CA LEU B 82 -2.63 0.68 12.79
C LEU B 82 -2.68 -0.22 14.02
N LEU B 83 -3.79 -0.20 14.77
CA LEU B 83 -3.93 -1.04 15.99
C LEU B 83 -3.85 -2.51 15.57
N ASP B 84 -4.58 -2.88 14.54
CA ASP B 84 -4.56 -4.22 13.92
C ASP B 84 -3.12 -4.56 13.49
N ASP B 85 -2.43 -3.69 12.76
CA ASP B 85 -1.01 -3.97 12.36
C ASP B 85 -0.15 -4.20 13.61
N LEU B 86 -0.43 -3.44 14.67
CA LEU B 86 0.32 -3.58 15.94
C LEU B 86 -0.01 -4.92 16.61
N MET B 87 -1.21 -5.45 16.47
CA MET B 87 -1.51 -6.74 17.15
C MET B 87 -0.93 -7.91 16.32
N ASP B 88 -0.92 -7.84 14.98
CA ASP B 88 -0.30 -8.88 14.12
C ASP B 88 1.24 -8.74 14.13
N ASP B 89 1.76 -7.51 14.24
CA ASP B 89 3.22 -7.16 14.30
C ASP B 89 4.00 -7.94 13.23
N ASP B 90 3.73 -7.64 11.96
CA ASP B 90 4.34 -8.32 10.81
C ASP B 90 4.51 -7.32 9.66
N THR B 91 4.39 -6.02 9.92
CA THR B 91 4.47 -4.98 8.87
C THR B 91 5.95 -4.63 8.62
N GLY B 92 6.82 -4.88 9.60
CA GLY B 92 8.20 -4.35 9.63
C GLY B 92 8.25 -2.91 10.11
N LEU B 93 7.09 -2.27 10.35
CA LEU B 93 7.04 -0.86 10.82
C LEU B 93 7.41 -0.84 12.31
N ASP B 94 7.90 0.29 12.83
CA ASP B 94 8.29 0.43 14.26
C ASP B 94 7.02 0.34 15.14
N ARG B 95 6.99 -0.59 16.10
CA ARG B 95 5.89 -0.78 17.07
C ARG B 95 5.59 0.51 17.83
N VAL B 96 6.61 1.32 18.15
CA VAL B 96 6.39 2.54 18.98
C VAL B 96 5.65 3.57 18.11
N GLU B 97 6.10 3.77 16.86
CA GLU B 97 5.42 4.69 15.92
C GLU B 97 3.97 4.24 15.73
N LEU B 98 3.72 2.94 15.62
CA LEU B 98 2.38 2.40 15.26
C LEU B 98 1.43 2.74 16.42
N ALA B 99 1.83 2.43 17.63
CA ALA B 99 1.06 2.70 18.86
C ALA B 99 0.82 4.21 19.02
N CYS B 100 1.87 5.02 18.92
CA CYS B 100 1.75 6.46 19.22
C CYS B 100 0.96 7.16 18.11
N VAL B 101 1.13 6.75 16.86
CA VAL B 101 0.38 7.39 15.75
C VAL B 101 -1.07 6.88 15.82
N CYS B 102 -1.28 5.60 16.11
CA CYS B 102 -2.61 5.01 16.38
C CYS B 102 -3.36 5.90 17.38
N LEU B 103 -2.80 6.09 18.56
CA LEU B 103 -3.49 6.90 19.60
C LEU B 103 -3.77 8.31 19.09
N ARG B 104 -2.76 8.96 18.51
CA ARG B 104 -2.86 10.37 18.11
C ARG B 104 -4.00 10.52 17.09
N LEU B 105 -4.03 9.70 16.03
CA LEU B 105 -5.05 9.80 14.95
C LEU B 105 -6.42 9.63 15.59
N HIS B 106 -6.53 8.66 16.47
CA HIS B 106 -7.79 8.34 17.16
C HIS B 106 -8.21 9.55 17.98
N LEU B 107 -7.30 10.17 18.71
CA LEU B 107 -7.74 11.26 19.60
C LEU B 107 -8.19 12.45 18.73
N ARG B 108 -7.53 12.66 17.60
CA ARG B 108 -7.90 13.76 16.66
C ARG B 108 -9.28 13.46 16.03
N ALA B 109 -9.55 12.20 15.71
CA ALA B 109 -10.87 11.81 15.14
C ALA B 109 -11.98 12.09 16.15
N LEU B 110 -11.75 11.77 17.43
CA LEU B 110 -12.78 11.96 18.47
C LEU B 110 -13.10 13.46 18.51
N HIS B 111 -12.06 14.28 18.55
CA HIS B 111 -12.23 15.75 18.63
C HIS B 111 -13.02 16.25 17.43
N GLU B 112 -12.69 15.78 16.24
CA GLU B 112 -13.31 16.32 15.00
C GLU B 112 -14.79 15.88 14.94
N LEU B 113 -15.05 14.62 15.19
CA LEU B 113 -16.40 14.01 15.18
C LEU B 113 -17.24 14.69 16.26
N GLU B 114 -16.70 14.89 17.47
CA GLU B 114 -17.51 15.47 18.57
C GLU B 114 -17.85 16.90 18.17
N SER B 115 -17.00 17.57 17.39
CA SER B 115 -17.26 18.96 16.91
C SER B 115 -18.44 19.01 15.94
N LEU B 116 -18.77 17.90 15.28
CA LEU B 116 -19.78 17.89 14.19
C LEU B 116 -21.06 17.20 14.66
N ALA B 117 -21.04 16.55 15.81
CA ALA B 117 -22.13 15.67 16.24
C ALA B 117 -23.31 16.54 16.67
N ARG B 118 -24.50 15.97 16.57
CA ARG B 118 -25.75 16.65 16.97
C ARG B 118 -25.72 16.75 18.50
N ASP B 119 -25.38 15.64 19.16
CA ASP B 119 -25.40 15.45 20.63
C ASP B 119 -23.96 15.36 21.10
N PRO B 120 -23.62 15.91 22.27
CA PRO B 120 -22.24 15.82 22.77
C PRO B 120 -21.81 14.40 23.18
N LYS B 121 -22.77 13.55 23.55
CA LYS B 121 -22.54 12.14 23.95
C LYS B 121 -22.66 11.16 22.77
N ALA B 122 -23.11 11.56 21.60
CA ALA B 122 -23.45 10.59 20.53
C ALA B 122 -22.21 9.77 20.11
N VAL B 123 -21.03 10.40 20.00
CA VAL B 123 -19.80 9.70 19.55
C VAL B 123 -19.45 8.57 20.53
N THR B 124 -19.33 8.88 21.82
CA THR B 124 -18.89 7.89 22.84
C THR B 124 -19.99 6.86 23.04
N ASP B 125 -21.25 7.22 22.80
CA ASP B 125 -22.39 6.28 22.91
C ASP B 125 -22.20 5.21 21.85
N ILE B 126 -22.02 5.64 20.61
CA ILE B 126 -21.86 4.73 19.44
C ILE B 126 -20.60 3.86 19.64
N LEU B 127 -19.50 4.44 20.14
CA LEU B 127 -18.25 3.66 20.30
C LEU B 127 -18.39 2.70 21.47
N GLU B 128 -19.23 3.01 22.46
CA GLU B 128 -19.37 2.11 23.66
C GLU B 128 -20.39 0.98 23.40
N GLN B 129 -21.58 1.31 22.88
CA GLN B 129 -22.77 0.41 22.64
C GLN B 129 -22.31 -1.04 22.38
N ASP B 130 -21.43 -1.26 21.41
CA ASP B 130 -21.10 -2.62 20.89
C ASP B 130 -19.58 -2.81 20.95
N ALA B 131 -18.90 -2.04 21.82
CA ALA B 131 -17.45 -2.19 22.07
C ALA B 131 -17.14 -3.64 22.47
N VAL B 132 -17.98 -4.29 23.29
CA VAL B 132 -17.67 -5.67 23.78
C VAL B 132 -17.85 -6.64 22.63
N HIS B 133 -18.89 -6.46 21.83
CA HIS B 133 -19.17 -7.29 20.63
C HIS B 133 -17.96 -7.17 19.70
N LEU B 134 -17.47 -5.95 19.47
CA LEU B 134 -16.35 -5.75 18.54
C LEU B 134 -15.06 -6.34 19.10
N CYS B 135 -14.74 -5.99 20.35
CA CYS B 135 -13.44 -6.31 20.99
C CYS B 135 -13.37 -7.81 21.35
N GLY B 136 -14.32 -8.33 22.11
CA GLY B 136 -14.48 -9.79 22.32
C GLY B 136 -14.66 -10.57 21.01
N GLY B 137 -15.41 -10.03 20.05
CA GLY B 137 -15.52 -10.60 18.69
C GLY B 137 -14.17 -10.83 18.04
N GLN B 138 -13.30 -9.82 18.01
CA GLN B 138 -11.93 -9.95 17.41
C GLN B 138 -11.15 -11.00 18.20
N ILE B 139 -11.27 -11.02 19.53
CA ILE B 139 -10.48 -12.03 20.30
C ILE B 139 -10.88 -13.44 19.86
N ARG B 140 -12.17 -13.73 19.79
CA ARG B 140 -12.71 -15.08 19.46
C ARG B 140 -12.39 -15.43 18.01
N THR B 141 -12.33 -14.46 17.10
CA THR B 141 -11.98 -14.68 15.67
C THR B 141 -10.60 -15.35 15.59
N LYS B 142 -9.61 -14.89 16.37
CA LYS B 142 -8.21 -15.41 16.34
C LYS B 142 -8.05 -16.58 17.34
N ARG B 143 -8.90 -16.66 18.37
CA ARG B 143 -8.90 -17.74 19.37
C ARG B 143 -9.37 -19.06 18.72
N SER B 144 -10.44 -19.02 17.91
CA SER B 144 -11.19 -20.18 17.32
C SER B 144 -11.41 -19.98 15.81
N ARG B 145 -10.49 -20.48 14.98
CA ARG B 145 -10.50 -20.37 13.50
C ARG B 145 -11.75 -21.05 12.95
N ALA B 146 -12.46 -20.33 12.07
CA ALA B 146 -13.70 -20.80 11.41
C ALA B 146 -13.39 -22.03 10.56
N THR B 147 -14.30 -23.00 10.57
CA THR B 147 -14.18 -24.32 9.90
C THR B 147 -15.34 -24.52 8.91
N ASN B 148 -16.22 -23.55 8.78
CA ASN B 148 -17.35 -23.60 7.81
C ASN B 148 -17.82 -22.18 7.49
N LEU B 149 -18.80 -22.03 6.61
CA LEU B 149 -19.30 -20.68 6.22
C LEU B 149 -20.03 -20.01 7.40
N ARG B 150 -20.87 -20.73 8.15
CA ARG B 150 -21.63 -20.15 9.30
C ARG B 150 -20.61 -19.48 10.24
N GLU B 151 -19.52 -20.17 10.58
CA GLU B 151 -18.51 -19.68 11.55
C GLU B 151 -17.78 -18.48 10.95
N TRP B 152 -17.38 -18.59 9.68
CA TRP B 152 -16.70 -17.50 8.94
C TRP B 152 -17.56 -16.22 9.00
N ARG B 153 -18.86 -16.37 8.75
CA ARG B 153 -19.84 -15.26 8.67
C ARG B 153 -20.02 -14.60 10.05
N ALA B 154 -20.18 -15.41 11.10
CA ALA B 154 -20.34 -14.94 12.50
C ALA B 154 -19.09 -14.14 12.92
N HIS B 155 -17.88 -14.65 12.62
CA HIS B 155 -16.61 -13.94 12.91
C HIS B 155 -16.59 -12.62 12.11
N ALA B 156 -16.86 -12.68 10.81
CA ALA B 156 -16.79 -11.55 9.87
C ALA B 156 -17.79 -10.46 10.27
N SER B 157 -18.90 -10.81 10.94
CA SER B 157 -19.94 -9.82 11.33
C SER B 157 -19.45 -8.91 12.48
N THR B 158 -18.38 -9.30 13.18
CA THR B 158 -17.79 -8.46 14.27
C THR B 158 -16.69 -7.55 13.67
N TYR B 159 -15.57 -8.11 13.23
CA TYR B 159 -14.40 -7.28 12.85
C TYR B 159 -14.65 -6.60 11.47
N GLY B 160 -15.67 -7.00 10.69
CA GLY B 160 -16.03 -6.33 9.44
C GLY B 160 -17.30 -5.51 9.61
N SER B 161 -18.43 -6.17 9.73
CA SER B 161 -19.77 -5.51 9.69
C SER B 161 -19.91 -4.57 10.88
N THR B 162 -19.70 -5.06 12.10
CA THR B 162 -19.86 -4.21 13.31
C THR B 162 -18.83 -3.08 13.26
N PHE B 163 -17.60 -3.42 12.85
CA PHE B 163 -16.48 -2.44 12.71
C PHE B 163 -16.90 -1.22 11.86
N LEU B 164 -17.41 -1.44 10.66
CA LEU B 164 -17.83 -0.35 9.75
C LEU B 164 -19.22 0.18 10.08
N GLY B 165 -20.12 -0.66 10.61
CA GLY B 165 -21.44 -0.19 11.08
C GLY B 165 -21.31 0.99 12.03
N ARG B 166 -20.32 0.97 12.92
CA ARG B 166 -20.07 2.06 13.91
C ARG B 166 -19.78 3.36 13.16
N TYR B 167 -18.93 3.32 12.11
CA TYR B 167 -18.54 4.52 11.31
C TYR B 167 -19.78 4.95 10.50
N GLY B 168 -20.60 3.99 10.08
CA GLY B 168 -21.93 4.31 9.54
C GLY B 168 -22.74 5.17 10.52
N ALA B 169 -22.93 4.70 11.74
CA ALA B 169 -23.70 5.43 12.78
C ALA B 169 -23.06 6.81 13.03
N LEU B 170 -21.73 6.88 13.05
CA LEU B 170 -21.04 8.17 13.34
C LEU B 170 -21.24 9.14 12.18
N ALA B 171 -21.16 8.65 10.94
CA ALA B 171 -21.49 9.46 9.73
C ALA B 171 -22.91 10.04 9.91
N ALA B 172 -23.88 9.22 10.27
CA ALA B 172 -25.28 9.69 10.49
C ALA B 172 -25.31 10.70 11.64
N ALA B 173 -24.56 10.45 12.71
CA ALA B 173 -24.61 11.27 13.95
C ALA B 173 -23.99 12.63 13.68
N CYS B 174 -23.04 12.69 12.74
CA CYS B 174 -22.20 13.88 12.51
C CYS B 174 -22.61 14.57 11.22
N GLY B 175 -23.55 13.97 10.47
CA GLY B 175 -23.89 14.40 9.10
C GLY B 175 -25.10 15.31 9.04
N GLY B 176 -25.40 16.08 10.10
CA GLY B 176 -26.55 17.00 10.12
C GLY B 176 -27.84 16.31 9.71
N GLU B 177 -28.73 16.97 8.97
CA GLU B 177 -30.15 16.53 8.83
C GLU B 177 -30.40 15.82 7.47
N GLY B 178 -31.36 14.91 7.46
CA GLY B 178 -31.68 14.07 6.29
C GLY B 178 -30.87 12.78 6.28
N GLN B 179 -30.47 12.28 7.45
CA GLN B 179 -29.67 11.03 7.61
C GLN B 179 -30.61 9.96 8.17
N PRO B 180 -30.88 8.88 7.41
CA PRO B 180 -31.63 7.73 7.91
C PRO B 180 -30.63 6.80 8.61
N ALA B 181 -30.28 7.17 9.83
CA ALA B 181 -29.28 6.50 10.67
C ALA B 181 -29.27 4.98 10.46
N ASP B 182 -30.41 4.33 10.61
CA ASP B 182 -30.48 2.85 10.50
C ASP B 182 -30.04 2.36 9.11
N SER B 183 -30.35 3.11 8.06
CA SER B 183 -30.02 2.69 6.69
C SER B 183 -28.54 2.90 6.42
N VAL B 184 -27.97 3.98 6.93
CA VAL B 184 -26.53 4.25 6.71
C VAL B 184 -25.74 3.10 7.33
N ARG B 185 -26.11 2.70 8.54
CA ARG B 185 -25.39 1.62 9.23
C ARG B 185 -25.69 0.30 8.54
N GLU B 186 -26.90 0.11 8.04
CA GLU B 186 -27.26 -1.12 7.32
C GLU B 186 -26.32 -1.29 6.12
N PHE B 187 -26.15 -0.22 5.35
CA PHE B 187 -25.27 -0.25 4.16
C PHE B 187 -23.83 -0.56 4.58
N ALA B 188 -23.36 0.11 5.61
CA ALA B 188 -21.97 -0.11 6.06
C ALA B 188 -21.77 -1.57 6.45
N GLU B 189 -22.72 -2.16 7.18
CA GLU B 189 -22.56 -3.56 7.66
C GLU B 189 -22.57 -4.55 6.50
N ALA B 190 -23.43 -4.35 5.50
CA ALA B 190 -23.47 -5.30 4.37
C ALA B 190 -22.23 -5.15 3.48
N PHE B 191 -21.90 -3.92 3.15
CA PHE B 191 -20.73 -3.57 2.31
C PHE B 191 -19.46 -4.10 2.99
N ALA B 192 -19.34 -3.93 4.31
CA ALA B 192 -18.11 -4.36 5.01
C ALA B 192 -17.95 -5.86 4.81
N MET B 193 -19.06 -6.60 4.77
CA MET B 193 -18.92 -8.08 4.64
C MET B 193 -18.47 -8.41 3.20
N THR B 194 -19.02 -7.72 2.18
CA THR B 194 -18.56 -7.87 0.77
C THR B 194 -17.05 -7.63 0.72
N ILE B 195 -16.58 -6.53 1.29
CA ILE B 195 -15.14 -6.12 1.28
C ILE B 195 -14.29 -7.14 2.04
N THR B 196 -14.81 -7.70 3.13
CA THR B 196 -14.12 -8.67 4.01
C THR B 196 -13.95 -10.01 3.28
N MET B 197 -14.92 -10.44 2.52
CA MET B 197 -14.79 -11.65 1.66
C MET B 197 -13.72 -11.38 0.58
N ALA B 198 -13.71 -10.21 -0.04
CA ALA B 198 -12.73 -9.86 -1.11
C ALA B 198 -11.33 -9.95 -0.53
N ASP B 199 -11.11 -9.38 0.66
CA ASP B 199 -9.80 -9.40 1.36
C ASP B 199 -9.35 -10.85 1.60
N ASP B 200 -10.21 -11.70 2.16
CA ASP B 200 -9.89 -13.13 2.41
C ASP B 200 -9.49 -13.82 1.09
N LEU B 201 -10.27 -13.65 0.03
CA LEU B 201 -10.00 -14.33 -1.27
C LEU B 201 -8.76 -13.75 -1.97
N THR B 202 -8.25 -12.59 -1.53
CA THR B 202 -7.09 -11.88 -2.10
C THR B 202 -5.84 -12.23 -1.29
N ASP B 203 -5.98 -12.08 0.03
CA ASP B 203 -4.91 -12.14 1.05
C ASP B 203 -4.49 -13.59 1.28
N TYR B 204 -5.25 -14.56 0.74
CA TYR B 204 -4.78 -15.96 0.56
C TYR B 204 -3.36 -15.96 -0.05
N ASP B 205 -3.15 -15.24 -1.17
CA ASP B 205 -1.84 -15.23 -1.89
C ASP B 205 -0.98 -14.00 -1.51
N ARG B 206 -1.56 -12.79 -1.45
CA ARG B 206 -0.86 -11.52 -1.10
C ARG B 206 -0.13 -11.66 0.26
N ASN B 207 -0.74 -12.33 1.25
CA ASN B 207 -0.27 -12.44 2.67
C ASN B 207 0.06 -13.89 3.11
N GLY B 208 -0.19 -14.91 2.26
CA GLY B 208 -0.10 -16.35 2.64
C GLY B 208 -0.92 -16.70 3.88
N GLU B 209 -2.24 -16.41 3.88
CA GLU B 209 -3.19 -16.62 5.02
C GLU B 209 -3.92 -17.95 4.83
N ARG B 210 -3.98 -18.79 5.87
CA ARG B 210 -4.60 -20.15 5.76
C ARG B 210 -5.67 -20.37 6.85
N ASP B 211 -5.32 -20.25 8.13
CA ASP B 211 -6.24 -20.61 9.26
C ASP B 211 -7.38 -19.59 9.39
N GLY B 212 -8.65 -20.05 9.30
CA GLY B 212 -9.89 -19.24 9.34
C GLY B 212 -10.21 -18.53 8.03
N ASN B 213 -9.38 -18.68 6.98
CA ASN B 213 -9.43 -17.94 5.69
C ASN B 213 -10.45 -18.59 4.73
N LEU B 214 -11.37 -17.80 4.19
CA LEU B 214 -12.51 -18.29 3.37
C LEU B 214 -12.02 -19.02 2.11
N ALA B 215 -10.94 -18.52 1.46
CA ALA B 215 -10.36 -19.12 0.24
C ALA B 215 -9.83 -20.52 0.58
N HIS B 216 -9.15 -20.62 1.70
CA HIS B 216 -8.67 -21.92 2.23
C HIS B 216 -9.86 -22.84 2.46
N LEU B 217 -10.93 -22.38 3.13
CA LEU B 217 -12.12 -23.25 3.39
C LEU B 217 -12.76 -23.68 2.07
N MET B 218 -12.73 -22.82 1.04
CA MET B 218 -13.28 -23.15 -0.30
C MET B 218 -12.40 -24.20 -0.99
N ARG B 219 -11.08 -24.00 -1.01
CA ARG B 219 -10.10 -24.92 -1.65
C ARG B 219 -10.13 -26.28 -0.92
N THR B 220 -10.07 -26.25 0.42
CA THR B 220 -10.17 -27.42 1.34
C THR B 220 -11.44 -28.25 1.07
N GLY B 221 -12.55 -27.63 0.64
CA GLY B 221 -13.87 -28.28 0.51
C GLY B 221 -14.79 -28.00 1.68
N ALA B 222 -14.34 -27.27 2.71
CA ALA B 222 -15.11 -26.98 3.96
C ALA B 222 -16.31 -26.06 3.67
N VAL B 223 -16.28 -25.36 2.54
CA VAL B 223 -17.32 -24.35 2.14
C VAL B 223 -17.52 -24.49 0.64
N ALA B 224 -18.77 -24.50 0.22
CA ALA B 224 -19.20 -24.73 -1.19
C ALA B 224 -19.36 -23.38 -1.91
N GLY B 225 -18.83 -23.28 -3.12
CA GLY B 225 -18.85 -22.05 -3.92
C GLY B 225 -20.25 -21.44 -3.98
N GLN B 226 -21.26 -22.26 -4.21
CA GLN B 226 -22.64 -21.72 -4.43
C GLN B 226 -23.08 -20.98 -3.16
N ASP B 227 -22.70 -21.45 -1.96
CA ASP B 227 -23.07 -20.78 -0.68
C ASP B 227 -22.43 -19.38 -0.59
N VAL B 228 -21.22 -19.23 -1.17
CA VAL B 228 -20.46 -17.95 -1.22
C VAL B 228 -21.16 -16.97 -2.17
N VAL B 229 -21.59 -17.45 -3.33
CA VAL B 229 -22.37 -16.64 -4.32
C VAL B 229 -23.64 -16.12 -3.66
N ASP B 230 -24.36 -16.99 -2.94
CA ASP B 230 -25.67 -16.64 -2.32
C ASP B 230 -25.42 -15.54 -1.27
N LEU B 231 -24.41 -15.70 -0.43
CA LEU B 231 -24.06 -14.69 0.60
C LEU B 231 -23.73 -13.35 -0.08
N LEU B 232 -22.89 -13.35 -1.12
CA LEU B 232 -22.58 -12.14 -1.93
C LEU B 232 -23.88 -11.48 -2.45
N GLU B 233 -24.80 -12.26 -3.01
CA GLU B 233 -26.11 -11.75 -3.57
C GLU B 233 -26.98 -11.21 -2.43
N GLU B 234 -26.94 -11.84 -1.26
CA GLU B 234 -27.65 -11.37 -0.04
C GLU B 234 -27.08 -10.01 0.40
N LEU B 235 -25.76 -9.87 0.43
CA LEU B 235 -25.07 -8.63 0.89
C LEU B 235 -25.30 -7.50 -0.14
N ARG B 236 -25.33 -7.84 -1.42
CA ARG B 236 -25.65 -6.90 -2.52
C ARG B 236 -27.07 -6.36 -2.28
N GLY B 237 -28.02 -7.28 -2.10
CA GLY B 237 -29.45 -6.94 -1.86
C GLY B 237 -29.59 -6.10 -0.60
N ARG B 238 -28.91 -6.48 0.48
CA ARG B 238 -29.02 -5.73 1.74
C ARG B 238 -28.52 -4.30 1.52
N ALA B 239 -27.39 -4.14 0.84
CA ALA B 239 -26.78 -2.82 0.60
C ALA B 239 -27.67 -1.97 -0.32
N LEU B 240 -28.22 -2.60 -1.37
CA LEU B 240 -29.13 -1.88 -2.32
C LEU B 240 -30.37 -1.40 -1.57
N ALA B 241 -30.96 -2.25 -0.73
CA ALA B 241 -32.14 -1.88 0.08
C ALA B 241 -31.79 -0.66 0.96
N ALA B 242 -30.59 -0.59 1.52
CA ALA B 242 -30.28 0.47 2.52
C ALA B 242 -30.17 1.80 1.81
N VAL B 243 -29.60 1.81 0.61
CA VAL B 243 -29.33 3.08 -0.13
C VAL B 243 -30.59 3.55 -0.89
N ALA B 244 -31.61 2.70 -1.04
CA ALA B 244 -32.95 3.03 -1.61
C ALA B 244 -33.86 3.69 -0.57
N ALA B 245 -33.61 3.52 0.73
CA ALA B 245 -34.41 4.16 1.80
C ALA B 245 -34.36 5.68 1.69
N PRO B 246 -35.50 6.39 1.71
CA PRO B 246 -35.51 7.86 1.62
C PRO B 246 -34.77 8.57 2.74
N PRO B 247 -34.07 9.70 2.47
CA PRO B 247 -34.02 10.36 1.16
C PRO B 247 -33.14 9.74 0.06
N GLY B 248 -32.56 8.56 0.30
CA GLY B 248 -31.83 7.81 -0.76
C GLY B 248 -30.37 8.26 -0.94
N ALA B 249 -29.50 7.32 -1.27
CA ALA B 249 -28.09 7.53 -1.71
C ALA B 249 -27.87 6.76 -3.01
N PRO B 250 -28.54 7.20 -4.12
CA PRO B 250 -28.54 6.43 -5.36
C PRO B 250 -27.13 6.33 -5.96
N GLY B 251 -26.31 7.34 -5.68
CA GLY B 251 -24.88 7.34 -6.06
C GLY B 251 -24.14 6.08 -5.64
N LEU B 252 -24.61 5.37 -4.60
CA LEU B 252 -23.94 4.17 -4.02
C LEU B 252 -24.32 2.88 -4.75
N VAL B 253 -25.38 2.89 -5.56
CA VAL B 253 -25.83 1.66 -6.30
C VAL B 253 -24.69 1.11 -7.19
N PRO B 254 -24.07 1.88 -8.09
CA PRO B 254 -22.98 1.35 -8.91
C PRO B 254 -21.77 0.87 -8.10
N VAL B 255 -21.54 1.49 -6.95
CA VAL B 255 -20.46 1.11 -6.01
C VAL B 255 -20.75 -0.28 -5.44
N VAL B 256 -21.99 -0.53 -5.03
CA VAL B 256 -22.37 -1.86 -4.50
C VAL B 256 -22.13 -2.93 -5.57
N HIS B 257 -22.64 -2.71 -6.78
CA HIS B 257 -22.45 -3.64 -7.92
C HIS B 257 -20.96 -3.86 -8.23
N LEU B 258 -20.18 -2.78 -8.21
CA LEU B 258 -18.76 -2.87 -8.59
C LEU B 258 -18.07 -3.87 -7.67
N TYR B 259 -18.27 -3.75 -6.36
CA TYR B 259 -17.49 -4.57 -5.38
C TYR B 259 -18.03 -5.98 -5.34
N THR B 260 -19.34 -6.17 -5.43
CA THR B 260 -19.91 -7.53 -5.45
C THR B 260 -19.46 -8.25 -6.70
N ASP B 261 -19.71 -7.68 -7.89
CA ASP B 261 -19.34 -8.31 -9.19
C ASP B 261 -17.83 -8.60 -9.25
N ASP B 262 -17.00 -7.74 -8.66
CA ASP B 262 -15.54 -8.00 -8.64
C ASP B 262 -15.28 -9.31 -7.90
N VAL B 263 -15.94 -9.56 -6.78
CA VAL B 263 -15.71 -10.84 -6.05
C VAL B 263 -16.18 -12.00 -6.93
N LEU B 264 -17.36 -11.87 -7.50
CA LEU B 264 -18.00 -12.91 -8.37
C LEU B 264 -17.10 -13.23 -9.59
N VAL B 265 -16.62 -12.22 -10.29
CA VAL B 265 -16.01 -12.36 -11.65
C VAL B 265 -14.50 -12.60 -11.51
N ARG B 266 -13.85 -11.91 -10.59
CA ARG B 266 -12.37 -11.86 -10.56
C ARG B 266 -11.86 -12.81 -9.49
N LEU B 267 -12.39 -12.80 -8.26
CA LEU B 267 -11.73 -13.53 -7.13
C LEU B 267 -12.25 -14.98 -6.98
N LEU B 268 -13.55 -15.21 -7.08
CA LEU B 268 -14.16 -16.54 -6.82
C LEU B 268 -13.47 -17.58 -7.67
N PRO B 269 -13.38 -17.37 -9.00
CA PRO B 269 -12.83 -18.38 -9.89
C PRO B 269 -11.39 -18.80 -9.55
N ARG B 270 -10.68 -18.03 -8.75
CA ARG B 270 -9.30 -18.45 -8.40
C ARG B 270 -9.37 -19.57 -7.37
N HIS B 271 -10.52 -19.72 -6.72
CA HIS B 271 -10.64 -20.74 -5.65
C HIS B 271 -11.59 -21.87 -6.02
N LEU B 272 -12.32 -21.72 -7.14
CA LEU B 272 -13.30 -22.75 -7.55
C LEU B 272 -12.75 -23.55 -8.73
N GLY B 273 -12.37 -22.90 -9.82
CA GLY B 273 -11.78 -23.67 -10.92
C GLY B 273 -12.65 -23.74 -12.16
N GLU B 274 -12.63 -24.92 -12.81
CA GLU B 274 -13.36 -25.21 -14.08
C GLU B 274 -14.76 -24.58 -14.08
N ALA B 275 -15.57 -24.84 -13.06
CA ALA B 275 -16.90 -24.22 -12.95
C ALA B 275 -17.35 -24.33 -11.50
N GLY B 276 -17.04 -23.34 -10.66
CA GLY B 276 -17.42 -23.44 -9.25
C GLY B 276 -18.83 -22.95 -8.98
N ALA B 277 -19.48 -22.41 -9.99
CA ALA B 277 -20.86 -21.90 -9.79
C ALA B 277 -21.85 -23.06 -9.81
N GLY B 278 -22.11 -23.65 -8.64
CA GLY B 278 -23.11 -24.71 -8.44
C GLY B 278 -23.13 -25.85 -9.43
N ALA B 279 -24.34 -26.34 -9.73
CA ALA B 279 -24.60 -27.53 -10.56
C ALA B 279 -24.37 -27.31 -12.05
N MET B 280 -23.81 -28.33 -12.70
CA MET B 280 -23.54 -28.33 -14.15
C MET B 280 -24.86 -28.16 -14.90
N ALA B 281 -24.96 -27.09 -15.68
CA ALA B 281 -26.16 -26.74 -16.49
C ALA B 281 -26.50 -27.89 -17.47
N THR B 282 -27.78 -28.05 -17.82
CA THR B 282 -28.29 -29.09 -18.76
C THR B 282 -29.24 -28.52 -19.82
N VAL B 283 -29.51 -29.34 -20.84
CA VAL B 283 -30.52 -29.08 -21.92
C VAL B 283 -31.55 -30.20 -21.88
N LYS B 284 -32.81 -29.87 -21.60
CA LYS B 284 -33.92 -30.85 -21.62
C LYS B 284 -34.62 -30.74 -22.98
N PHE B 285 -34.96 -31.88 -23.57
CA PHE B 285 -35.63 -31.98 -24.89
C PHE B 285 -36.13 -33.40 -25.11
N LYS B 286 -37.03 -33.57 -26.08
CA LYS B 286 -37.53 -34.90 -26.51
C LYS B 286 -36.87 -35.24 -27.85
N TYR B 287 -36.58 -36.52 -28.09
CA TYR B 287 -35.80 -37.02 -29.26
C TYR B 287 -36.04 -38.51 -29.46
N LYS B 288 -36.76 -38.88 -30.53
CA LYS B 288 -37.21 -40.27 -30.84
C LYS B 288 -38.12 -40.80 -29.72
N GLY B 289 -38.94 -39.94 -29.11
CA GLY B 289 -40.03 -40.33 -28.18
C GLY B 289 -39.62 -40.32 -26.71
N GLU B 290 -38.30 -40.21 -26.43
CA GLU B 290 -37.70 -40.34 -25.07
C GLU B 290 -37.47 -38.94 -24.46
N GLU B 291 -37.59 -38.82 -23.14
CA GLU B 291 -37.16 -37.63 -22.33
C GLU B 291 -35.62 -37.61 -22.26
N LYS B 292 -34.97 -36.52 -22.68
CA LYS B 292 -33.48 -36.45 -22.73
C LYS B 292 -33.03 -35.25 -21.91
N GLU B 293 -31.81 -35.34 -21.39
CA GLU B 293 -31.12 -34.30 -20.57
C GLU B 293 -29.62 -34.48 -20.81
N VAL B 294 -28.97 -33.45 -21.34
CA VAL B 294 -27.51 -33.48 -21.65
C VAL B 294 -26.86 -32.30 -20.90
N ASP B 295 -25.65 -32.56 -20.36
CA ASP B 295 -24.79 -31.57 -19.65
C ASP B 295 -24.13 -30.68 -20.71
N ILE B 296 -24.04 -29.37 -20.45
CA ILE B 296 -23.45 -28.40 -21.41
C ILE B 296 -22.04 -28.89 -21.78
N SER B 297 -21.36 -29.58 -20.84
CA SER B 297 -20.02 -30.18 -21.02
C SER B 297 -19.97 -31.16 -22.22
N LYS B 298 -21.08 -31.81 -22.59
CA LYS B 298 -21.11 -32.84 -23.68
C LYS B 298 -21.54 -32.23 -25.03
N ILE B 299 -22.03 -30.99 -25.07
CA ILE B 299 -22.48 -30.26 -26.30
C ILE B 299 -21.29 -29.91 -27.20
N LYS B 300 -21.28 -30.41 -28.44
CA LYS B 300 -20.24 -30.20 -29.48
C LYS B 300 -20.53 -28.93 -30.30
N LYS B 301 -21.51 -28.97 -31.20
CA LYS B 301 -21.82 -27.87 -32.17
C LYS B 301 -23.23 -27.33 -31.86
N VAL B 302 -23.46 -26.03 -32.08
CA VAL B 302 -24.77 -25.38 -31.76
C VAL B 302 -25.04 -24.23 -32.75
N TRP B 303 -26.25 -24.22 -33.34
CA TRP B 303 -26.60 -23.24 -34.39
C TRP B 303 -28.09 -22.88 -34.32
N ARG B 304 -28.46 -21.75 -34.92
CA ARG B 304 -29.82 -21.16 -34.86
C ARG B 304 -30.56 -21.38 -36.19
N VAL B 305 -31.85 -21.70 -36.09
CA VAL B 305 -32.81 -21.80 -37.21
C VAL B 305 -34.11 -21.16 -36.71
N GLY B 306 -34.36 -19.90 -37.07
CA GLY B 306 -35.47 -19.09 -36.53
C GLY B 306 -35.39 -18.98 -35.00
N LYS B 307 -36.44 -19.36 -34.28
CA LYS B 307 -36.48 -19.38 -32.79
C LYS B 307 -35.92 -20.72 -32.26
N MET B 308 -35.49 -21.66 -33.11
CA MET B 308 -35.01 -22.99 -32.66
C MET B 308 -33.49 -23.00 -32.57
N ILE B 309 -32.99 -23.70 -31.57
CA ILE B 309 -31.56 -23.95 -31.32
C ILE B 309 -31.35 -25.43 -31.61
N SER B 310 -30.48 -25.74 -32.56
CA SER B 310 -30.20 -27.11 -33.01
C SER B 310 -28.76 -27.42 -32.62
N PHE B 311 -28.45 -28.66 -32.25
CA PHE B 311 -27.13 -29.01 -31.67
C PHE B 311 -26.84 -30.51 -31.75
N THR B 312 -25.54 -30.83 -31.69
CA THR B 312 -24.97 -32.20 -31.58
C THR B 312 -24.22 -32.29 -30.25
N TYR B 313 -24.01 -33.51 -29.73
CA TYR B 313 -23.34 -33.75 -28.42
C TYR B 313 -22.75 -35.16 -28.34
N ASP B 314 -21.73 -35.32 -27.48
CA ASP B 314 -21.09 -36.63 -27.22
C ASP B 314 -22.10 -37.49 -26.46
N GLU B 315 -22.55 -38.57 -27.08
CA GLU B 315 -23.56 -39.46 -26.47
C GLU B 315 -22.85 -40.61 -25.75
N GLY B 316 -21.53 -40.60 -25.72
CA GLY B 316 -20.78 -41.70 -25.08
C GLY B 316 -20.19 -42.60 -26.13
N GLY B 317 -18.87 -42.77 -26.10
CA GLY B 317 -18.20 -43.57 -27.14
C GLY B 317 -17.99 -42.67 -28.33
N GLY B 318 -18.06 -43.21 -29.54
CA GLY B 318 -17.89 -42.36 -30.72
C GLY B 318 -19.22 -41.73 -31.12
N LYS B 319 -20.30 -42.27 -30.56
CA LYS B 319 -21.68 -41.85 -30.89
C LYS B 319 -21.88 -40.34 -30.68
N THR B 320 -22.50 -39.69 -31.65
CA THR B 320 -22.81 -38.25 -31.56
C THR B 320 -24.32 -38.08 -31.39
N GLY B 321 -24.74 -37.24 -30.46
CA GLY B 321 -26.18 -37.03 -30.24
C GLY B 321 -26.74 -35.92 -31.11
N ARG B 322 -28.07 -35.82 -31.18
CA ARG B 322 -28.73 -34.77 -31.98
C ARG B 322 -29.91 -34.25 -31.17
N GLY B 323 -30.14 -32.94 -31.20
CA GLY B 323 -31.34 -32.34 -30.62
C GLY B 323 -31.63 -30.97 -31.20
N ALA B 324 -32.86 -30.50 -31.00
CA ALA B 324 -33.26 -29.11 -31.24
C ALA B 324 -34.21 -28.67 -30.11
N VAL B 325 -34.00 -27.49 -29.52
CA VAL B 325 -34.97 -26.89 -28.53
C VAL B 325 -35.33 -25.50 -29.00
N SER B 326 -36.52 -25.03 -28.62
CA SER B 326 -36.93 -23.59 -28.59
C SER B 326 -35.88 -22.77 -27.80
N GLU B 327 -35.61 -21.53 -28.22
CA GLU B 327 -34.66 -20.63 -27.49
C GLU B 327 -35.24 -20.29 -26.11
N LYS B 328 -36.54 -20.43 -25.92
CA LYS B 328 -37.25 -20.16 -24.64
C LYS B 328 -36.91 -21.26 -23.60
N ASP B 329 -36.53 -22.46 -24.05
CA ASP B 329 -36.22 -23.65 -23.20
C ASP B 329 -34.72 -23.95 -23.29
N ALA B 330 -33.92 -23.05 -23.86
CA ALA B 330 -32.44 -23.17 -23.88
C ALA B 330 -31.86 -22.57 -22.61
N PRO B 331 -30.92 -23.26 -21.92
CA PRO B 331 -30.17 -22.65 -20.83
C PRO B 331 -29.26 -21.55 -21.39
N LYS B 332 -28.95 -20.54 -20.56
CA LYS B 332 -28.11 -19.36 -20.91
C LYS B 332 -26.75 -19.86 -21.46
N GLU B 333 -26.26 -20.99 -20.93
CA GLU B 333 -24.94 -21.63 -21.27
C GLU B 333 -24.92 -22.09 -22.73
N LEU B 334 -26.01 -22.71 -23.20
CA LEU B 334 -26.14 -23.17 -24.60
C LEU B 334 -26.21 -21.96 -25.53
N LEU B 335 -27.07 -20.98 -25.20
CA LEU B 335 -27.20 -19.70 -25.92
C LEU B 335 -25.85 -18.98 -25.96
N GLN B 336 -24.99 -19.14 -24.94
CA GLN B 336 -23.66 -18.48 -24.93
C GLN B 336 -22.77 -19.12 -25.99
N MET B 337 -22.79 -20.46 -26.10
CA MET B 337 -22.02 -21.23 -27.11
C MET B 337 -22.48 -20.85 -28.52
N LEU B 338 -23.79 -20.62 -28.71
CA LEU B 338 -24.39 -20.08 -29.96
C LEU B 338 -23.58 -18.85 -30.38
N GLU B 339 -23.54 -17.84 -29.50
CA GLU B 339 -22.86 -16.52 -29.66
C GLU B 339 -21.37 -16.72 -29.95
N LYS B 340 -20.75 -17.71 -29.31
CA LYS B 340 -19.29 -18.00 -29.40
C LYS B 340 -19.03 -19.23 -30.28
N GLN B 341 -19.77 -19.43 -31.39
CA GLN B 341 -19.55 -20.52 -32.38
C GLN B 341 -19.77 -20.00 -33.83
N ASP C 12 25.41 -29.80 -31.10
CA ASP C 12 25.59 -29.75 -29.61
C ASP C 12 26.50 -28.57 -29.28
N ASP C 13 27.68 -28.51 -29.89
CA ASP C 13 28.67 -27.43 -29.65
C ASP C 13 28.13 -26.12 -30.25
N LYS C 14 27.37 -26.16 -31.35
CA LYS C 14 26.78 -24.97 -32.00
C LYS C 14 25.74 -24.33 -31.07
N MET C 15 24.87 -25.16 -30.48
CA MET C 15 23.86 -24.71 -29.52
C MET C 15 24.56 -24.08 -28.29
N LEU C 16 25.55 -24.76 -27.70
CA LEU C 16 26.21 -24.30 -26.45
C LEU C 16 26.94 -22.99 -26.72
N ALA C 17 27.46 -22.84 -27.92
CA ALA C 17 28.18 -21.62 -28.34
C ALA C 17 27.19 -20.45 -28.48
N ALA C 18 25.95 -20.76 -28.92
CA ALA C 18 24.80 -19.84 -29.02
C ALA C 18 24.40 -19.39 -27.59
N GLU C 19 24.15 -20.33 -26.68
CA GLU C 19 23.88 -20.10 -25.24
C GLU C 19 24.94 -19.15 -24.66
N ALA C 20 26.23 -19.49 -24.84
CA ALA C 20 27.41 -18.74 -24.35
C ALA C 20 27.41 -17.34 -24.95
N ALA C 21 27.07 -17.20 -26.23
CA ALA C 21 27.00 -15.87 -26.89
C ALA C 21 25.86 -15.07 -26.27
N ASN C 22 24.70 -15.70 -26.06
CA ASN C 22 23.51 -15.03 -25.49
C ASN C 22 23.83 -14.63 -24.05
N ARG C 23 24.33 -15.56 -23.24
CA ARG C 23 24.77 -15.36 -21.83
C ARG C 23 25.68 -14.14 -21.77
N ASP C 24 26.62 -14.09 -22.69
CA ASP C 24 27.65 -13.02 -22.72
C ASP C 24 27.01 -11.67 -23.05
N HIS C 25 26.16 -11.57 -24.08
CA HIS C 25 25.47 -10.31 -24.43
C HIS C 25 24.62 -9.82 -23.23
N VAL C 26 23.84 -10.71 -22.61
CA VAL C 26 22.94 -10.37 -21.48
C VAL C 26 23.79 -9.90 -20.30
N THR C 27 24.81 -10.64 -19.91
CA THR C 27 25.62 -10.30 -18.71
C THR C 27 26.33 -8.96 -18.94
N ARG C 28 26.88 -8.65 -20.12
CA ARG C 28 27.55 -7.33 -20.38
C ARG C 28 26.53 -6.23 -20.12
N CYS C 29 25.36 -6.42 -20.69
CA CYS C 29 24.24 -5.48 -20.60
C CYS C 29 23.84 -5.31 -19.13
N VAL C 30 23.73 -6.39 -18.35
CA VAL C 30 23.45 -6.29 -16.90
C VAL C 30 24.58 -5.52 -16.21
N ALA C 31 25.84 -5.89 -16.40
CA ALA C 31 26.97 -5.18 -15.73
C ALA C 31 27.00 -3.72 -16.19
N GLN C 32 26.75 -3.42 -17.47
CA GLN C 32 26.85 -2.01 -17.97
C GLN C 32 25.78 -1.12 -17.30
N THR C 33 24.63 -1.65 -16.86
CA THR C 33 23.63 -0.80 -16.18
C THR C 33 23.83 -0.77 -14.65
N GLY C 34 24.87 -1.38 -14.09
CA GLY C 34 25.17 -1.30 -12.64
C GLY C 34 24.75 -2.54 -11.85
N GLY C 35 24.49 -3.64 -12.55
CA GLY C 35 24.12 -4.92 -11.97
C GLY C 35 25.12 -5.39 -10.92
N SER C 36 24.65 -5.93 -9.80
CA SER C 36 25.52 -6.60 -8.82
C SER C 36 26.10 -7.89 -9.41
N PRO C 37 27.25 -8.36 -8.87
CA PRO C 37 27.72 -9.72 -9.14
C PRO C 37 26.64 -10.81 -8.95
N ASP C 38 25.85 -10.73 -7.90
CA ASP C 38 24.70 -11.65 -7.68
C ASP C 38 23.75 -11.56 -8.88
N LEU C 39 23.43 -10.34 -9.33
CA LEU C 39 22.45 -10.24 -10.41
C LEU C 39 23.08 -10.79 -11.69
N VAL C 40 24.36 -10.53 -11.95
CA VAL C 40 25.06 -11.09 -13.13
C VAL C 40 25.03 -12.62 -13.07
N ALA C 41 25.34 -13.22 -11.92
CA ALA C 41 25.33 -14.70 -11.72
C ALA C 41 23.92 -15.24 -11.91
N HIS C 42 22.88 -14.64 -11.28
CA HIS C 42 21.45 -15.02 -11.50
C HIS C 42 21.14 -15.07 -13.00
N THR C 43 21.45 -14.02 -13.73
CA THR C 43 21.19 -13.85 -15.19
C THR C 43 21.91 -14.93 -16.02
N ALA C 44 23.18 -15.17 -15.76
CA ALA C 44 24.04 -16.17 -16.44
C ALA C 44 23.50 -17.58 -16.20
N ALA C 45 22.88 -17.79 -15.03
CA ALA C 45 22.38 -19.10 -14.58
C ALA C 45 21.13 -19.48 -15.36
N LEU C 46 20.49 -18.58 -16.12
CA LEU C 46 19.18 -18.88 -16.78
C LEU C 46 19.42 -19.64 -18.10
N ARG C 47 19.97 -20.86 -18.01
CA ARG C 47 20.49 -21.69 -19.14
C ARG C 47 19.43 -21.84 -20.23
N LEU C 48 18.23 -22.29 -19.89
CA LEU C 48 17.19 -22.60 -20.90
C LEU C 48 16.69 -21.31 -21.53
N TYR C 49 16.58 -20.25 -20.75
CA TYR C 49 16.14 -18.92 -21.22
C TYR C 49 17.15 -18.36 -22.22
N LEU C 50 18.46 -18.60 -22.02
CA LEU C 50 19.51 -18.12 -22.95
C LEU C 50 19.64 -19.04 -24.16
N ARG C 51 19.32 -20.33 -24.00
CA ARG C 51 19.45 -21.36 -25.08
C ARG C 51 18.22 -21.32 -26.00
N VAL C 52 17.02 -21.11 -25.47
CA VAL C 52 15.81 -21.33 -26.31
C VAL C 52 15.80 -20.41 -27.54
N PRO C 53 16.35 -19.18 -27.54
CA PRO C 53 16.37 -18.36 -28.74
C PRO C 53 17.08 -19.02 -29.94
N HIS C 54 18.10 -19.82 -29.68
CA HIS C 54 18.76 -20.71 -30.68
C HIS C 54 17.75 -21.63 -31.37
N PHE C 55 16.86 -22.27 -30.62
CA PHE C 55 15.81 -23.15 -31.19
C PHE C 55 14.85 -22.30 -32.04
N LEU C 56 14.42 -21.13 -31.54
CA LEU C 56 13.39 -20.28 -32.21
C LEU C 56 13.90 -19.72 -33.54
N THR C 57 15.22 -19.59 -33.68
CA THR C 57 15.89 -18.96 -34.85
C THR C 57 16.48 -20.02 -35.80
N GLU C 58 16.14 -21.31 -35.65
CA GLU C 58 16.69 -22.41 -36.50
C GLU C 58 16.36 -22.16 -37.99
N TRP C 59 15.24 -21.49 -38.30
CA TRP C 59 14.74 -21.16 -39.67
C TRP C 59 15.53 -20.03 -40.34
N THR C 60 16.41 -19.35 -39.61
CA THR C 60 17.11 -18.14 -40.10
C THR C 60 18.47 -18.57 -40.67
N THR C 61 18.68 -18.34 -41.96
CA THR C 61 19.73 -19.00 -42.80
C THR C 61 21.04 -18.20 -42.72
N ASP C 62 20.97 -16.87 -42.73
CA ASP C 62 22.16 -16.02 -42.56
C ASP C 62 22.66 -16.10 -41.11
N PRO C 63 23.81 -16.73 -40.80
CA PRO C 63 24.30 -16.84 -39.42
C PRO C 63 24.52 -15.52 -38.65
N ASP C 64 24.86 -14.43 -39.32
CA ASP C 64 24.97 -13.11 -38.60
C ASP C 64 23.59 -12.61 -38.14
N ARG C 65 22.58 -12.67 -39.01
CA ARG C 65 21.18 -12.33 -38.63
C ARG C 65 20.73 -13.31 -37.53
N ARG C 66 20.95 -14.60 -37.70
CA ARG C 66 20.54 -15.64 -36.72
C ARG C 66 21.08 -15.29 -35.33
N ALA C 67 22.35 -14.90 -35.24
CA ALA C 67 23.09 -14.65 -33.98
C ALA C 67 22.53 -13.37 -33.35
N ALA C 68 22.15 -12.39 -34.18
CA ALA C 68 21.67 -11.07 -33.74
C ALA C 68 20.25 -11.22 -33.20
N VAL C 69 19.41 -12.03 -33.85
CA VAL C 69 18.01 -12.26 -33.39
C VAL C 69 18.04 -13.08 -32.11
N SER C 70 18.92 -14.09 -32.05
CA SER C 70 19.02 -15.00 -30.90
C SER C 70 19.38 -14.17 -29.61
N ARG C 71 20.37 -13.29 -29.68
CA ARG C 71 20.81 -12.49 -28.51
C ARG C 71 19.78 -11.42 -28.18
N ALA C 72 19.02 -10.91 -29.15
CA ALA C 72 17.97 -9.90 -28.97
C ALA C 72 16.77 -10.55 -28.26
N LEU C 73 16.38 -11.76 -28.66
CA LEU C 73 15.33 -12.49 -27.92
C LEU C 73 15.82 -12.81 -26.49
N ALA C 74 17.10 -13.10 -26.32
CA ALA C 74 17.61 -13.52 -25.00
C ALA C 74 17.48 -12.32 -24.06
N LEU C 75 17.76 -11.10 -24.55
CA LEU C 75 17.61 -9.87 -23.73
C LEU C 75 16.18 -9.80 -23.15
N ASP C 76 15.16 -9.98 -23.98
CA ASP C 76 13.77 -9.73 -23.54
C ASP C 76 13.27 -10.89 -22.67
N ILE C 77 13.54 -12.12 -23.05
CA ILE C 77 13.15 -13.31 -22.26
C ILE C 77 13.79 -13.15 -20.87
N VAL C 78 15.07 -12.82 -20.79
CA VAL C 78 15.70 -12.67 -19.46
C VAL C 78 15.01 -11.51 -18.74
N SER C 79 14.67 -10.45 -19.46
CA SER C 79 14.03 -9.25 -18.85
C SER C 79 12.73 -9.72 -18.20
N MET C 80 11.96 -10.50 -18.94
CA MET C 80 10.62 -10.96 -18.49
C MET C 80 10.80 -11.91 -17.32
N LYS C 81 11.90 -12.64 -17.27
CA LYS C 81 12.21 -13.52 -16.13
C LYS C 81 12.53 -12.64 -14.90
N LEU C 82 13.25 -11.55 -15.11
CA LEU C 82 13.53 -10.62 -13.99
C LEU C 82 12.21 -10.02 -13.50
N LEU C 83 11.27 -9.72 -14.38
CA LEU C 83 9.95 -9.19 -13.96
C LEU C 83 9.24 -10.26 -13.12
N ASP C 84 9.21 -11.50 -13.60
CA ASP C 84 8.67 -12.62 -12.81
C ASP C 84 9.31 -12.67 -11.40
N ASP C 85 10.62 -12.50 -11.29
CA ASP C 85 11.33 -12.57 -10.00
C ASP C 85 10.89 -11.43 -9.08
N LEU C 86 10.54 -10.29 -9.66
CA LEU C 86 10.05 -9.10 -8.95
C LEU C 86 8.61 -9.37 -8.46
N MET C 87 7.82 -10.11 -9.22
CA MET C 87 6.46 -10.51 -8.78
C MET C 87 6.56 -11.39 -7.53
N ASP C 88 7.52 -12.30 -7.50
CA ASP C 88 7.60 -13.33 -6.43
C ASP C 88 8.31 -12.72 -5.22
N ASP C 89 9.28 -11.84 -5.44
CA ASP C 89 10.08 -11.17 -4.37
C ASP C 89 10.77 -12.22 -3.48
N ASP C 90 11.22 -13.33 -4.05
CA ASP C 90 11.73 -14.48 -3.25
C ASP C 90 13.16 -14.84 -3.68
N THR C 91 13.84 -14.01 -4.48
CA THR C 91 15.19 -14.33 -5.02
C THR C 91 16.25 -13.83 -4.06
N GLY C 92 15.89 -12.93 -3.14
CA GLY C 92 16.83 -12.25 -2.24
C GLY C 92 17.61 -11.15 -2.96
N LEU C 93 17.50 -11.00 -4.28
CA LEU C 93 18.14 -9.87 -4.98
C LEU C 93 17.42 -8.57 -4.58
N ASP C 94 18.15 -7.47 -4.62
CA ASP C 94 17.59 -6.12 -4.32
C ASP C 94 16.56 -5.79 -5.41
N ARG C 95 15.35 -5.43 -5.00
CA ARG C 95 14.23 -5.10 -5.92
C ARG C 95 14.59 -3.95 -6.88
N VAL C 96 15.36 -2.96 -6.42
CA VAL C 96 15.76 -1.81 -7.25
C VAL C 96 16.54 -2.28 -8.48
N GLU C 97 17.61 -3.04 -8.29
CA GLU C 97 18.43 -3.51 -9.44
C GLU C 97 17.63 -4.51 -10.28
N LEU C 98 16.82 -5.40 -9.69
CA LEU C 98 15.93 -6.27 -10.51
C LEU C 98 15.12 -5.37 -11.44
N ALA C 99 14.50 -4.32 -10.91
CA ALA C 99 13.53 -3.53 -11.68
C ALA C 99 14.28 -2.71 -12.73
N CYS C 100 15.41 -2.11 -12.37
CA CYS C 100 16.11 -1.20 -13.29
C CYS C 100 16.78 -2.01 -14.40
N VAL C 101 17.34 -3.17 -14.05
CA VAL C 101 17.98 -4.04 -15.07
C VAL C 101 16.90 -4.68 -15.94
N CYS C 102 15.78 -5.12 -15.38
CA CYS C 102 14.63 -5.64 -16.13
C CYS C 102 14.30 -4.67 -17.25
N LEU C 103 14.10 -3.41 -16.91
CA LEU C 103 13.70 -2.39 -17.91
C LEU C 103 14.83 -2.16 -18.93
N ARG C 104 16.09 -2.01 -18.48
CA ARG C 104 17.23 -1.75 -19.39
C ARG C 104 17.27 -2.86 -20.45
N LEU C 105 17.22 -4.13 -20.04
CA LEU C 105 17.35 -5.31 -20.92
C LEU C 105 16.24 -5.27 -21.98
N HIS C 106 15.02 -4.99 -21.53
CA HIS C 106 13.80 -4.92 -22.35
C HIS C 106 13.96 -3.81 -23.39
N LEU C 107 14.37 -2.63 -22.98
CA LEU C 107 14.48 -1.52 -23.94
C LEU C 107 15.56 -1.86 -24.96
N ARG C 108 16.62 -2.55 -24.56
CA ARG C 108 17.69 -2.93 -25.51
C ARG C 108 17.15 -3.96 -26.50
N ALA C 109 16.37 -4.92 -26.01
CA ALA C 109 15.72 -5.94 -26.84
C ALA C 109 14.82 -5.26 -27.88
N LEU C 110 14.02 -4.27 -27.49
CA LEU C 110 13.12 -3.57 -28.45
C LEU C 110 13.96 -2.99 -29.58
N HIS C 111 15.07 -2.37 -29.19
CA HIS C 111 15.96 -1.68 -30.16
C HIS C 111 16.56 -2.73 -31.09
N GLU C 112 17.08 -3.82 -30.57
CA GLU C 112 17.77 -4.83 -31.41
C GLU C 112 16.71 -5.48 -32.30
N LEU C 113 15.57 -5.91 -31.78
CA LEU C 113 14.57 -6.62 -32.60
C LEU C 113 14.07 -5.71 -33.74
N GLU C 114 13.89 -4.41 -33.48
CA GLU C 114 13.29 -3.47 -34.45
C GLU C 114 14.33 -3.11 -35.52
N SER C 115 15.63 -3.17 -35.18
CA SER C 115 16.72 -2.95 -36.16
C SER C 115 16.82 -4.13 -37.13
N LEU C 116 16.31 -5.31 -36.75
CA LEU C 116 16.43 -6.53 -37.57
C LEU C 116 15.13 -6.81 -38.30
N ALA C 117 13.97 -6.35 -37.81
CA ALA C 117 12.69 -6.64 -38.48
C ALA C 117 12.62 -5.91 -39.84
N ARG C 118 12.09 -6.57 -40.86
CA ARG C 118 11.81 -5.94 -42.18
C ARG C 118 10.82 -4.80 -41.90
N ASP C 119 9.85 -5.02 -41.02
CA ASP C 119 8.91 -3.97 -40.59
C ASP C 119 9.04 -3.76 -39.09
N PRO C 120 9.70 -2.69 -38.60
CA PRO C 120 9.80 -2.47 -37.15
C PRO C 120 8.46 -2.58 -36.41
N LYS C 121 7.36 -2.12 -37.04
CA LYS C 121 6.00 -2.14 -36.47
C LYS C 121 5.60 -3.53 -36.02
N ALA C 122 6.05 -4.57 -36.72
CA ALA C 122 5.66 -5.95 -36.43
C ALA C 122 6.03 -6.27 -34.98
N VAL C 123 7.09 -5.65 -34.47
CA VAL C 123 7.58 -5.96 -33.11
C VAL C 123 6.52 -5.54 -32.08
N THR C 124 6.02 -4.31 -32.17
CA THR C 124 5.00 -3.81 -31.25
C THR C 124 3.64 -4.45 -31.56
N ASP C 125 3.34 -4.78 -32.84
CA ASP C 125 2.12 -5.53 -33.26
C ASP C 125 2.12 -6.86 -32.51
N ILE C 126 3.22 -7.59 -32.53
CA ILE C 126 3.28 -8.96 -31.94
C ILE C 126 3.16 -8.80 -30.41
N LEU C 127 3.84 -7.80 -29.84
CA LEU C 127 3.89 -7.65 -28.38
C LEU C 127 2.49 -7.30 -27.84
N GLU C 128 1.70 -6.54 -28.60
CA GLU C 128 0.42 -5.96 -28.14
C GLU C 128 -0.73 -6.93 -28.41
N GLN C 129 -0.63 -7.67 -29.50
CA GLN C 129 -1.68 -8.58 -30.07
C GLN C 129 -2.30 -9.43 -28.95
N ASP C 130 -1.48 -10.09 -28.14
CA ASP C 130 -2.05 -10.94 -27.05
C ASP C 130 -1.48 -10.47 -25.71
N ALA C 131 -1.24 -9.17 -25.55
CA ALA C 131 -0.78 -8.60 -24.27
C ALA C 131 -1.80 -8.92 -23.17
N VAL C 132 -3.08 -8.69 -23.46
CA VAL C 132 -4.17 -8.93 -22.49
C VAL C 132 -4.11 -10.40 -22.12
N HIS C 133 -4.00 -11.28 -23.11
CA HIS C 133 -4.07 -12.74 -22.86
C HIS C 133 -2.86 -13.14 -22.02
N LEU C 134 -1.65 -12.65 -22.34
CA LEU C 134 -0.45 -13.03 -21.55
C LEU C 134 -0.51 -12.43 -20.13
N CYS C 135 -0.81 -11.12 -20.02
CA CYS C 135 -0.69 -10.35 -18.75
C CYS C 135 -1.87 -10.76 -17.87
N GLY C 136 -3.08 -10.79 -18.46
CA GLY C 136 -4.26 -11.28 -17.75
C GLY C 136 -4.03 -12.73 -17.34
N GLY C 137 -3.61 -13.56 -18.30
CA GLY C 137 -3.33 -14.99 -18.07
C GLY C 137 -2.38 -15.22 -16.89
N GLN C 138 -1.29 -14.47 -16.80
CA GLN C 138 -0.24 -14.68 -15.76
C GLN C 138 -0.89 -14.41 -14.38
N ILE C 139 -1.71 -13.38 -14.26
CA ILE C 139 -2.42 -13.04 -12.99
C ILE C 139 -3.23 -14.29 -12.56
N ARG C 140 -4.15 -14.78 -13.40
CA ARG C 140 -5.02 -15.98 -13.10
C ARG C 140 -4.15 -17.20 -12.77
N THR C 141 -3.10 -17.44 -13.54
CA THR C 141 -2.14 -18.58 -13.40
C THR C 141 -1.34 -18.55 -12.08
N LYS C 142 -0.87 -17.37 -11.66
CA LYS C 142 -0.12 -17.26 -10.39
C LYS C 142 -1.08 -17.21 -9.21
N ARG C 143 -2.39 -17.09 -9.41
CA ARG C 143 -3.33 -16.86 -8.28
C ARG C 143 -4.41 -17.95 -8.20
N SER C 144 -4.30 -19.04 -8.96
CA SER C 144 -5.12 -20.27 -8.82
C SER C 144 -4.25 -21.53 -8.92
N ARG C 145 -4.73 -22.66 -8.39
CA ARG C 145 -4.03 -23.99 -8.42
C ARG C 145 -4.74 -24.88 -9.44
N ALA C 146 -4.00 -25.70 -10.19
CA ALA C 146 -4.56 -26.78 -11.02
C ALA C 146 -4.91 -27.96 -10.10
N THR C 147 -6.07 -28.59 -10.34
CA THR C 147 -6.58 -29.77 -9.55
C THR C 147 -6.68 -31.01 -10.43
N ASN C 148 -6.39 -30.88 -11.72
CA ASN C 148 -6.45 -32.00 -12.71
C ASN C 148 -5.66 -31.58 -13.95
N LEU C 149 -5.61 -32.47 -14.94
CA LEU C 149 -4.74 -32.30 -16.12
C LEU C 149 -5.28 -31.21 -17.04
N ARG C 150 -6.60 -31.13 -17.16
CA ARG C 150 -7.26 -30.13 -18.04
C ARG C 150 -6.84 -28.73 -17.60
N GLU C 151 -6.97 -28.47 -16.30
CA GLU C 151 -6.62 -27.18 -15.67
C GLU C 151 -5.11 -26.98 -15.77
N TRP C 152 -4.33 -28.03 -15.54
CA TRP C 152 -2.86 -27.95 -15.61
C TRP C 152 -2.44 -27.46 -17.01
N ARG C 153 -3.03 -28.02 -18.05
CA ARG C 153 -2.76 -27.72 -19.48
C ARG C 153 -3.17 -26.27 -19.74
N ALA C 154 -4.34 -25.90 -19.24
CA ALA C 154 -4.92 -24.56 -19.43
C ALA C 154 -3.99 -23.51 -18.79
N HIS C 155 -3.51 -23.72 -17.56
CA HIS C 155 -2.55 -22.80 -16.89
C HIS C 155 -1.26 -22.79 -17.73
N ALA C 156 -0.69 -23.96 -18.06
CA ALA C 156 0.62 -24.08 -18.76
C ALA C 156 0.51 -23.43 -20.15
N SER C 157 -0.62 -23.56 -20.84
CA SER C 157 -0.73 -23.03 -22.22
C SER C 157 -0.74 -21.49 -22.18
N THR C 158 -1.25 -20.86 -21.12
CA THR C 158 -1.48 -19.38 -21.12
C THR C 158 -0.31 -18.65 -20.44
N TYR C 159 0.68 -19.36 -19.85
CA TYR C 159 1.88 -18.74 -19.23
C TYR C 159 3.16 -19.24 -19.90
N GLY C 160 3.23 -20.51 -20.29
CA GLY C 160 4.41 -21.07 -20.98
C GLY C 160 4.30 -20.84 -22.47
N SER C 161 3.18 -21.26 -23.07
CA SER C 161 3.02 -21.39 -24.53
C SER C 161 2.80 -20.00 -25.16
N THR C 162 1.92 -19.18 -24.58
CA THR C 162 1.71 -17.78 -25.01
C THR C 162 3.04 -17.02 -24.92
N PHE C 163 3.72 -17.12 -23.79
CA PHE C 163 5.03 -16.49 -23.55
C PHE C 163 5.94 -16.81 -24.74
N LEU C 164 6.18 -18.09 -24.99
CA LEU C 164 7.23 -18.48 -25.96
C LEU C 164 6.67 -18.36 -27.37
N GLY C 165 5.35 -18.50 -27.51
CA GLY C 165 4.64 -18.20 -28.76
C GLY C 165 5.06 -16.87 -29.32
N ARG C 166 5.03 -15.81 -28.50
CA ARG C 166 5.29 -14.43 -28.96
C ARG C 166 6.72 -14.32 -29.48
N TYR C 167 7.68 -14.92 -28.74
CA TYR C 167 9.10 -14.89 -29.13
C TYR C 167 9.26 -15.70 -30.42
N GLY C 168 8.46 -16.77 -30.59
CA GLY C 168 8.43 -17.54 -31.85
C GLY C 168 8.04 -16.61 -32.97
N ALA C 169 6.90 -15.91 -32.81
CA ALA C 169 6.44 -14.92 -33.81
C ALA C 169 7.52 -13.85 -34.07
N LEU C 170 8.21 -13.37 -33.02
CA LEU C 170 9.23 -12.28 -33.18
C LEU C 170 10.43 -12.81 -33.95
N ALA C 171 10.87 -14.05 -33.67
CA ALA C 171 11.98 -14.73 -34.43
C ALA C 171 11.65 -14.78 -35.93
N ALA C 172 10.40 -15.10 -36.32
CA ALA C 172 9.91 -15.06 -37.74
C ALA C 172 9.92 -13.64 -38.28
N ALA C 173 9.42 -12.65 -37.52
CA ALA C 173 9.37 -11.24 -37.98
C ALA C 173 10.78 -10.67 -38.23
N CYS C 174 11.79 -11.16 -37.51
CA CYS C 174 13.14 -10.53 -37.45
C CYS C 174 14.13 -11.33 -38.27
N GLY C 175 13.75 -12.52 -38.73
CA GLY C 175 14.65 -13.56 -39.27
C GLY C 175 14.74 -13.55 -40.79
N GLY C 176 14.24 -12.51 -41.46
CA GLY C 176 14.35 -12.36 -42.93
C GLY C 176 13.49 -13.36 -43.71
N GLU C 177 13.44 -13.16 -45.03
CA GLU C 177 12.46 -13.75 -45.99
C GLU C 177 12.49 -15.27 -45.93
N GLY C 178 11.35 -15.91 -46.22
CA GLY C 178 11.20 -17.37 -46.23
C GLY C 178 11.22 -17.92 -44.82
N GLN C 179 10.19 -17.59 -44.04
CA GLN C 179 10.04 -18.05 -42.63
C GLN C 179 8.55 -18.25 -42.36
N PRO C 180 8.12 -19.49 -42.05
CA PRO C 180 6.70 -19.80 -41.88
C PRO C 180 6.18 -19.43 -40.48
N ALA C 181 5.78 -18.16 -40.35
CA ALA C 181 5.44 -17.49 -39.07
C ALA C 181 4.64 -18.42 -38.16
N ASP C 182 3.51 -18.94 -38.62
CA ASP C 182 2.58 -19.78 -37.80
C ASP C 182 3.27 -21.07 -37.32
N SER C 183 4.23 -21.61 -38.06
CA SER C 183 4.89 -22.89 -37.69
C SER C 183 5.92 -22.61 -36.59
N VAL C 184 6.65 -21.50 -36.70
CA VAL C 184 7.66 -21.06 -35.70
C VAL C 184 6.94 -20.88 -34.36
N ARG C 185 5.79 -20.24 -34.39
CA ARG C 185 4.95 -20.05 -33.19
C ARG C 185 4.41 -21.41 -32.70
N GLU C 186 3.83 -22.21 -33.61
CA GLU C 186 3.32 -23.57 -33.31
C GLU C 186 4.41 -24.36 -32.58
N PHE C 187 5.64 -24.33 -33.08
CA PHE C 187 6.82 -25.00 -32.49
C PHE C 187 7.05 -24.52 -31.06
N ALA C 188 7.18 -23.19 -30.89
CA ALA C 188 7.42 -22.53 -29.58
C ALA C 188 6.33 -22.93 -28.57
N GLU C 189 5.05 -22.87 -28.98
CA GLU C 189 3.93 -23.19 -28.08
C GLU C 189 4.05 -24.65 -27.61
N ALA C 190 4.32 -25.59 -28.52
CA ALA C 190 4.41 -27.03 -28.17
C ALA C 190 5.64 -27.25 -27.29
N PHE C 191 6.79 -26.73 -27.69
CA PHE C 191 8.05 -26.94 -26.95
C PHE C 191 7.91 -26.36 -25.53
N ALA C 192 7.26 -25.19 -25.38
CA ALA C 192 7.15 -24.52 -24.05
C ALA C 192 6.41 -25.45 -23.12
N MET C 193 5.36 -26.08 -23.63
CA MET C 193 4.59 -26.98 -22.77
C MET C 193 5.43 -28.21 -22.38
N THR C 194 6.30 -28.71 -23.25
CA THR C 194 7.12 -29.90 -22.94
C THR C 194 8.07 -29.54 -21.80
N ILE C 195 8.77 -28.41 -21.93
CA ILE C 195 9.71 -27.98 -20.84
C ILE C 195 8.89 -27.63 -19.57
N THR C 196 7.67 -27.13 -19.66
CA THR C 196 6.86 -26.86 -18.45
C THR C 196 6.66 -28.17 -17.71
N MET C 197 6.29 -29.22 -18.42
CA MET C 197 6.06 -30.54 -17.78
C MET C 197 7.36 -31.00 -17.12
N ALA C 198 8.47 -30.84 -17.83
CA ALA C 198 9.81 -31.19 -17.32
C ALA C 198 10.09 -30.44 -16.02
N ASP C 199 9.85 -29.11 -16.00
CA ASP C 199 10.07 -28.23 -14.84
C ASP C 199 9.29 -28.77 -13.64
N ASP C 200 7.98 -29.03 -13.82
CA ASP C 200 7.13 -29.57 -12.74
C ASP C 200 7.68 -30.89 -12.20
N LEU C 201 7.98 -31.87 -13.06
CA LEU C 201 8.37 -33.24 -12.61
C LEU C 201 9.70 -33.18 -11.85
N THR C 202 10.58 -32.24 -12.23
CA THR C 202 11.84 -31.95 -11.52
C THR C 202 11.52 -31.37 -10.13
N ASP C 203 10.73 -30.29 -10.10
CA ASP C 203 10.60 -29.41 -8.91
C ASP C 203 9.93 -30.19 -7.78
N TYR C 204 9.19 -31.24 -8.08
CA TYR C 204 8.55 -32.03 -7.00
C TYR C 204 9.63 -32.48 -6.00
N ASP C 205 10.75 -32.97 -6.51
CA ASP C 205 11.86 -33.49 -5.67
C ASP C 205 12.86 -32.37 -5.33
N ARG C 206 13.25 -31.54 -6.29
CA ARG C 206 14.24 -30.46 -6.09
C ARG C 206 13.83 -29.46 -4.97
N ASN C 207 12.53 -29.14 -4.85
CA ASN C 207 11.91 -28.01 -4.10
C ASN C 207 10.79 -28.46 -3.15
N GLY C 208 10.37 -29.73 -3.18
CA GLY C 208 9.19 -30.17 -2.44
C GLY C 208 7.91 -29.50 -2.93
N GLU C 209 7.81 -29.11 -4.20
CA GLU C 209 6.60 -28.41 -4.75
C GLU C 209 5.42 -29.37 -4.79
N ARG C 210 4.23 -28.90 -4.36
CA ARG C 210 3.02 -29.75 -4.19
C ARG C 210 1.80 -29.12 -4.86
N ASP C 211 1.21 -28.06 -4.31
CA ASP C 211 -0.06 -27.44 -4.78
C ASP C 211 -0.01 -27.19 -6.30
N GLY C 212 -0.79 -27.94 -7.08
CA GLY C 212 -0.89 -27.75 -8.54
C GLY C 212 0.31 -28.26 -9.33
N ASN C 213 1.27 -28.95 -8.72
CA ASN C 213 2.47 -29.51 -9.39
C ASN C 213 2.08 -30.83 -10.09
N LEU C 214 2.48 -30.99 -11.35
CA LEU C 214 2.05 -32.15 -12.19
C LEU C 214 2.37 -33.48 -11.48
N ALA C 215 3.59 -33.69 -10.94
CA ALA C 215 3.96 -34.96 -10.27
C ALA C 215 3.10 -35.21 -9.04
N HIS C 216 2.71 -34.14 -8.35
CA HIS C 216 1.87 -34.22 -7.12
C HIS C 216 0.45 -34.69 -7.50
N LEU C 217 -0.16 -34.09 -8.53
CA LEU C 217 -1.50 -34.44 -9.06
C LEU C 217 -1.53 -35.91 -9.55
N MET C 218 -0.44 -36.40 -10.15
CA MET C 218 -0.33 -37.82 -10.53
C MET C 218 -0.32 -38.68 -9.27
N ARG C 219 0.45 -38.29 -8.27
CA ARG C 219 0.61 -39.10 -7.04
C ARG C 219 -0.66 -39.09 -6.18
N THR C 220 -1.50 -38.06 -6.21
CA THR C 220 -2.81 -38.06 -5.48
C THR C 220 -3.89 -38.79 -6.30
N GLY C 221 -3.59 -39.20 -7.53
CA GLY C 221 -4.57 -39.84 -8.42
C GLY C 221 -5.49 -38.85 -9.12
N ALA C 222 -5.16 -37.56 -9.12
CA ALA C 222 -5.97 -36.53 -9.82
C ALA C 222 -5.66 -36.61 -11.32
N VAL C 223 -4.42 -36.98 -11.65
CA VAL C 223 -3.91 -37.06 -13.05
C VAL C 223 -3.37 -38.48 -13.25
N ALA C 224 -3.80 -39.12 -14.35
CA ALA C 224 -3.45 -40.50 -14.72
C ALA C 224 -2.10 -40.46 -15.42
N GLY C 225 -1.15 -41.32 -15.04
CA GLY C 225 0.16 -41.44 -15.71
C GLY C 225 0.01 -41.51 -17.24
N GLN C 226 -0.99 -42.26 -17.70
CA GLN C 226 -1.20 -42.53 -19.15
C GLN C 226 -1.57 -41.21 -19.86
N ASP C 227 -2.42 -40.38 -19.26
CA ASP C 227 -2.81 -39.07 -19.83
C ASP C 227 -1.56 -38.19 -20.00
N VAL C 228 -0.61 -38.30 -19.09
CA VAL C 228 0.61 -37.46 -19.14
C VAL C 228 1.52 -37.93 -20.28
N VAL C 229 1.66 -39.23 -20.44
CA VAL C 229 2.49 -39.76 -21.56
C VAL C 229 1.81 -39.33 -22.87
N ASP C 230 0.50 -39.44 -22.94
CA ASP C 230 -0.26 -39.06 -24.15
C ASP C 230 0.01 -37.59 -24.49
N LEU C 231 -0.11 -36.71 -23.49
CA LEU C 231 0.16 -35.27 -23.67
C LEU C 231 1.58 -35.09 -24.21
N LEU C 232 2.55 -35.78 -23.64
CA LEU C 232 3.95 -35.70 -24.12
C LEU C 232 4.03 -36.07 -25.60
N GLU C 233 3.43 -37.20 -26.00
CA GLU C 233 3.49 -37.61 -27.42
C GLU C 233 2.81 -36.55 -28.27
N GLU C 234 1.65 -36.08 -27.82
CA GLU C 234 0.89 -35.04 -28.57
C GLU C 234 1.74 -33.77 -28.71
N LEU C 235 2.44 -33.37 -27.67
CA LEU C 235 3.26 -32.14 -27.76
C LEU C 235 4.41 -32.41 -28.72
N ARG C 236 4.98 -33.60 -28.67
CA ARG C 236 6.10 -33.97 -29.55
C ARG C 236 5.61 -33.92 -30.99
N GLY C 237 4.43 -34.49 -31.25
CA GLY C 237 3.85 -34.48 -32.60
C GLY C 237 3.58 -33.08 -33.10
N ARG C 238 3.08 -32.21 -32.23
CA ARG C 238 2.81 -30.80 -32.62
C ARG C 238 4.14 -30.15 -33.00
N ALA C 239 5.18 -30.38 -32.21
CA ALA C 239 6.49 -29.76 -32.50
C ALA C 239 7.06 -30.29 -33.82
N LEU C 240 7.04 -31.60 -34.02
CA LEU C 240 7.61 -32.21 -35.24
C LEU C 240 6.88 -31.71 -36.49
N ALA C 241 5.56 -31.62 -36.45
CA ALA C 241 4.79 -31.13 -37.61
C ALA C 241 5.15 -29.69 -37.93
N ALA C 242 5.34 -28.87 -36.91
CA ALA C 242 5.65 -27.43 -37.09
C ALA C 242 7.01 -27.26 -37.76
N VAL C 243 8.00 -28.02 -37.33
CA VAL C 243 9.38 -27.93 -37.90
C VAL C 243 9.42 -28.64 -39.27
N ALA C 244 8.41 -29.50 -39.58
CA ALA C 244 8.28 -30.18 -40.91
C ALA C 244 7.66 -29.24 -41.93
N ALA C 245 6.71 -28.37 -41.54
CA ALA C 245 6.00 -27.42 -42.44
C ALA C 245 7.01 -26.59 -43.24
N PRO C 246 6.78 -26.37 -44.56
CA PRO C 246 7.84 -25.87 -45.46
C PRO C 246 8.12 -24.38 -45.29
N PRO C 247 9.38 -23.91 -45.41
CA PRO C 247 10.51 -24.71 -45.87
C PRO C 247 11.20 -25.65 -44.87
N GLY C 248 10.63 -25.79 -43.67
CA GLY C 248 11.11 -26.77 -42.66
C GLY C 248 12.40 -26.36 -41.97
N ALA C 249 12.61 -26.93 -40.79
CA ALA C 249 13.77 -26.70 -39.89
C ALA C 249 14.18 -28.06 -39.32
N PRO C 250 14.80 -28.93 -40.15
CA PRO C 250 15.15 -30.28 -39.73
C PRO C 250 16.16 -30.33 -38.56
N GLY C 251 16.93 -29.27 -38.37
CA GLY C 251 17.86 -29.18 -37.21
C GLY C 251 17.16 -29.34 -35.86
N LEU C 252 15.85 -29.09 -35.78
CA LEU C 252 15.07 -29.05 -34.52
C LEU C 252 14.47 -30.42 -34.17
N VAL C 253 14.49 -31.39 -35.09
CA VAL C 253 13.91 -32.76 -34.88
C VAL C 253 14.66 -33.49 -33.78
N PRO C 254 16.00 -33.54 -33.79
CA PRO C 254 16.77 -34.11 -32.69
C PRO C 254 16.57 -33.36 -31.36
N VAL C 255 16.38 -32.03 -31.45
CA VAL C 255 16.12 -31.17 -30.26
C VAL C 255 14.78 -31.59 -29.68
N VAL C 256 13.73 -31.64 -30.48
CA VAL C 256 12.39 -32.05 -29.95
C VAL C 256 12.59 -33.40 -29.30
N HIS C 257 13.21 -34.38 -29.98
CA HIS C 257 13.41 -35.74 -29.41
C HIS C 257 14.21 -35.64 -28.11
N LEU C 258 15.27 -34.83 -28.04
CA LEU C 258 16.13 -34.81 -26.82
C LEU C 258 15.32 -34.38 -25.57
N TYR C 259 14.47 -33.35 -25.67
CA TYR C 259 13.72 -32.83 -24.50
C TYR C 259 12.60 -33.80 -24.14
N THR C 260 11.93 -34.36 -25.15
CA THR C 260 10.80 -35.28 -24.89
C THR C 260 11.35 -36.54 -24.24
N ASP C 261 12.51 -37.01 -24.70
CA ASP C 261 13.12 -38.31 -24.27
C ASP C 261 13.62 -38.12 -22.86
N ASP C 262 14.10 -36.92 -22.55
CA ASP C 262 14.59 -36.60 -21.20
C ASP C 262 13.45 -36.81 -20.20
N VAL C 263 12.26 -36.30 -20.52
CA VAL C 263 11.08 -36.44 -19.63
C VAL C 263 10.69 -37.92 -19.57
N LEU C 264 10.62 -38.57 -20.74
CA LEU C 264 10.18 -40.00 -20.80
C LEU C 264 11.13 -40.88 -19.96
N VAL C 265 12.44 -40.71 -20.07
CA VAL C 265 13.43 -41.67 -19.49
C VAL C 265 13.75 -41.29 -18.04
N ARG C 266 14.03 -40.01 -17.76
CA ARG C 266 14.61 -39.57 -16.45
C ARG C 266 13.54 -39.05 -15.48
N LEU C 267 12.60 -38.23 -15.97
CA LEU C 267 11.70 -37.48 -15.06
C LEU C 267 10.40 -38.24 -14.81
N LEU C 268 9.76 -38.81 -15.83
CA LEU C 268 8.37 -39.33 -15.69
C LEU C 268 8.33 -40.62 -14.86
N PRO C 269 9.29 -41.56 -15.05
CA PRO C 269 9.18 -42.89 -14.43
C PRO C 269 9.22 -42.89 -12.89
N ARG C 270 9.90 -41.92 -12.26
CA ARG C 270 9.86 -41.69 -10.78
C ARG C 270 8.40 -41.69 -10.32
N HIS C 271 7.52 -40.95 -11.02
CA HIS C 271 6.15 -40.62 -10.56
C HIS C 271 5.08 -41.55 -11.16
N LEU C 272 5.44 -42.61 -11.87
CA LEU C 272 4.40 -43.46 -12.52
C LEU C 272 3.87 -44.52 -11.53
N GLY C 273 4.57 -44.78 -10.42
CA GLY C 273 4.01 -45.48 -9.24
C GLY C 273 2.84 -44.71 -8.61
N ASP D 12 -7.35 25.88 -18.62
CA ASP D 12 -7.56 25.04 -17.41
C ASP D 12 -8.64 23.97 -17.69
N ASP D 13 -9.75 24.32 -18.35
CA ASP D 13 -10.80 23.36 -18.79
C ASP D 13 -10.16 22.31 -19.69
N LYS D 14 -9.31 22.73 -20.64
CA LYS D 14 -8.73 21.86 -21.69
C LYS D 14 -7.85 20.78 -21.03
N MET D 15 -7.10 21.20 -20.02
CA MET D 15 -6.14 20.44 -19.19
C MET D 15 -6.96 19.34 -18.47
N LEU D 16 -8.01 19.77 -17.77
CA LEU D 16 -8.82 18.85 -16.93
C LEU D 16 -9.50 17.85 -17.85
N ALA D 17 -9.85 18.22 -19.08
CA ALA D 17 -10.53 17.24 -19.96
C ALA D 17 -9.48 16.22 -20.44
N ALA D 18 -8.27 16.67 -20.69
CA ALA D 18 -7.13 15.83 -21.10
C ALA D 18 -6.76 14.87 -19.95
N GLU D 19 -6.55 15.39 -18.75
CA GLU D 19 -6.28 14.54 -17.57
C GLU D 19 -7.35 13.44 -17.47
N ALA D 20 -8.63 13.78 -17.58
CA ALA D 20 -9.75 12.84 -17.47
C ALA D 20 -9.72 11.83 -18.61
N ALA D 21 -9.49 12.26 -19.85
CA ALA D 21 -9.44 11.32 -21.00
C ALA D 21 -8.27 10.34 -20.78
N ASN D 22 -7.14 10.81 -20.26
CA ASN D 22 -5.93 9.99 -20.00
C ASN D 22 -6.28 8.98 -18.88
N ARG D 23 -6.91 9.47 -17.81
CA ARG D 23 -7.41 8.63 -16.69
C ARG D 23 -8.29 7.48 -17.22
N ASP D 24 -9.27 7.80 -18.08
CA ASP D 24 -10.25 6.84 -18.65
C ASP D 24 -9.43 5.82 -19.45
N HIS D 25 -8.50 6.31 -20.27
CA HIS D 25 -7.76 5.39 -21.16
C HIS D 25 -6.94 4.48 -20.23
N VAL D 26 -6.32 5.02 -19.18
CA VAL D 26 -5.46 4.16 -18.33
C VAL D 26 -6.34 3.22 -17.49
N THR D 27 -7.42 3.71 -16.91
CA THR D 27 -8.23 2.85 -16.00
C THR D 27 -8.92 1.74 -16.81
N ARG D 28 -9.48 2.03 -17.98
CA ARG D 28 -10.13 1.00 -18.85
C ARG D 28 -9.11 -0.12 -19.13
N CYS D 29 -7.89 0.28 -19.39
CA CYS D 29 -6.80 -0.62 -19.76
C CYS D 29 -6.38 -1.51 -18.58
N VAL D 30 -6.28 -0.93 -17.37
CA VAL D 30 -6.05 -1.69 -16.10
C VAL D 30 -7.17 -2.71 -15.94
N ALA D 31 -8.43 -2.29 -16.07
CA ALA D 31 -9.61 -3.14 -15.80
C ALA D 31 -9.65 -4.28 -16.83
N GLN D 32 -9.44 -3.99 -18.10
CA GLN D 32 -9.53 -4.97 -19.21
C GLN D 32 -8.44 -6.04 -19.07
N THR D 33 -7.33 -5.80 -18.35
CA THR D 33 -6.30 -6.83 -18.15
C THR D 33 -6.53 -7.61 -16.86
N GLY D 34 -7.63 -7.36 -16.15
CA GLY D 34 -7.98 -8.10 -14.91
C GLY D 34 -7.49 -7.38 -13.65
N GLY D 35 -7.17 -6.11 -13.75
CA GLY D 35 -6.73 -5.35 -12.57
C GLY D 35 -7.86 -5.22 -11.57
N SER D 36 -7.50 -5.29 -10.30
CA SER D 36 -8.40 -5.09 -9.14
C SER D 36 -8.91 -3.65 -9.11
N PRO D 37 -10.10 -3.43 -8.53
CA PRO D 37 -10.59 -2.07 -8.24
C PRO D 37 -9.58 -1.22 -7.45
N ASP D 38 -8.86 -1.86 -6.54
CA ASP D 38 -7.81 -1.20 -5.72
C ASP D 38 -6.69 -0.66 -6.62
N LEU D 39 -6.28 -1.42 -7.65
CA LEU D 39 -5.21 -0.99 -8.60
C LEU D 39 -5.75 0.10 -9.54
N VAL D 40 -7.03 0.00 -9.91
CA VAL D 40 -7.72 1.06 -10.67
C VAL D 40 -7.67 2.33 -9.81
N ALA D 41 -7.99 2.25 -8.53
CA ALA D 41 -7.99 3.44 -7.64
C ALA D 41 -6.57 4.06 -7.58
N HIS D 42 -5.56 3.22 -7.42
CA HIS D 42 -4.14 3.62 -7.31
C HIS D 42 -3.75 4.39 -8.58
N THR D 43 -4.07 3.86 -9.76
CA THR D 43 -3.61 4.46 -11.05
C THR D 43 -4.37 5.76 -11.31
N ALA D 44 -5.63 5.82 -10.88
CA ALA D 44 -6.54 6.94 -11.12
C ALA D 44 -6.07 8.13 -10.27
N ALA D 45 -5.54 7.87 -9.08
CA ALA D 45 -4.98 8.89 -8.17
C ALA D 45 -3.65 9.49 -8.68
N LEU D 46 -3.01 8.94 -9.73
CA LEU D 46 -1.68 9.44 -10.21
C LEU D 46 -1.83 10.71 -11.07
N ARG D 47 -2.32 11.79 -10.47
CA ARG D 47 -2.74 13.04 -11.18
C ARG D 47 -1.54 13.67 -11.94
N LEU D 48 -0.38 13.82 -11.31
CA LEU D 48 0.77 14.49 -11.99
C LEU D 48 1.10 13.69 -13.26
N TYR D 49 1.09 12.36 -13.16
CA TYR D 49 1.47 11.42 -14.25
C TYR D 49 0.42 11.46 -15.38
N LEU D 50 -0.86 11.64 -15.06
CA LEU D 50 -1.94 11.69 -16.09
C LEU D 50 -2.03 13.09 -16.75
N ARG D 51 -1.58 14.16 -16.07
CA ARG D 51 -1.79 15.54 -16.61
C ARG D 51 -0.55 16.00 -17.38
N VAL D 52 0.64 15.52 -17.05
CA VAL D 52 1.90 16.06 -17.63
C VAL D 52 1.91 15.83 -19.15
N PRO D 53 1.37 14.74 -19.72
CA PRO D 53 1.35 14.62 -21.18
C PRO D 53 0.62 15.80 -21.83
N HIS D 54 -0.30 16.45 -21.13
CA HIS D 54 -0.97 17.64 -21.70
C HIS D 54 0.07 18.71 -22.03
N PHE D 55 1.02 18.93 -21.13
CA PHE D 55 2.11 19.90 -21.31
C PHE D 55 2.99 19.46 -22.50
N LEU D 56 3.36 18.18 -22.60
CA LEU D 56 4.36 17.71 -23.58
C LEU D 56 3.82 17.82 -25.00
N THR D 57 2.49 17.73 -25.14
CA THR D 57 1.77 17.70 -26.44
C THR D 57 1.30 19.11 -26.87
N GLU D 58 1.66 20.17 -26.15
CA GLU D 58 1.20 21.55 -26.45
C GLU D 58 1.58 22.01 -27.89
N TRP D 59 2.64 21.46 -28.49
CA TRP D 59 3.03 21.88 -29.86
C TRP D 59 2.15 21.17 -30.90
N THR D 60 1.22 20.31 -30.50
CA THR D 60 0.50 19.43 -31.47
C THR D 60 -0.71 20.20 -32.05
N THR D 61 -0.80 20.34 -33.37
CA THR D 61 -1.78 21.26 -34.04
C THR D 61 -3.12 20.54 -34.12
N ASP D 62 -3.16 19.34 -34.67
CA ASP D 62 -4.38 18.51 -34.79
C ASP D 62 -4.81 18.04 -33.40
N PRO D 63 -6.06 18.31 -32.97
CA PRO D 63 -6.53 17.89 -31.65
C PRO D 63 -6.75 16.36 -31.52
N ASP D 64 -7.02 15.68 -32.62
CA ASP D 64 -7.21 14.21 -32.58
C ASP D 64 -5.87 13.55 -32.31
N ARG D 65 -4.82 13.98 -33.02
CA ARG D 65 -3.44 13.49 -32.79
C ARG D 65 -3.02 13.92 -31.39
N ARG D 66 -3.33 15.16 -30.98
CA ARG D 66 -2.89 15.59 -29.65
C ARG D 66 -3.46 14.63 -28.58
N ALA D 67 -4.74 14.28 -28.65
CA ALA D 67 -5.44 13.42 -27.65
C ALA D 67 -4.87 11.98 -27.69
N ALA D 68 -4.65 11.44 -28.88
CA ALA D 68 -4.12 10.07 -29.03
C ALA D 68 -2.72 9.95 -28.38
N VAL D 69 -1.83 10.91 -28.65
CA VAL D 69 -0.43 10.93 -28.14
C VAL D 69 -0.43 11.19 -26.62
N SER D 70 -1.25 12.12 -26.13
CA SER D 70 -1.41 12.39 -24.68
C SER D 70 -1.74 11.10 -23.93
N ARG D 71 -2.74 10.35 -24.40
CA ARG D 71 -3.20 9.16 -23.65
C ARG D 71 -2.11 8.09 -23.73
N ALA D 72 -1.44 7.94 -24.87
CA ALA D 72 -0.41 6.91 -25.12
C ALA D 72 0.75 7.17 -24.19
N LEU D 73 1.14 8.43 -24.06
CA LEU D 73 2.19 8.81 -23.09
C LEU D 73 1.71 8.52 -21.67
N ALA D 74 0.46 8.80 -21.35
CA ALA D 74 -0.04 8.55 -19.98
C ALA D 74 0.10 7.06 -19.67
N LEU D 75 -0.24 6.19 -20.62
CA LEU D 75 -0.07 4.73 -20.43
C LEU D 75 1.38 4.42 -19.99
N ASP D 76 2.38 4.85 -20.74
CA ASP D 76 3.78 4.44 -20.44
C ASP D 76 4.25 5.14 -19.15
N ILE D 77 3.95 6.40 -18.96
CA ILE D 77 4.37 7.16 -17.76
C ILE D 77 3.77 6.45 -16.54
N VAL D 78 2.47 6.12 -16.56
CA VAL D 78 1.83 5.35 -15.44
C VAL D 78 2.54 3.99 -15.28
N SER D 79 2.80 3.29 -16.38
CA SER D 79 3.48 1.98 -16.37
C SER D 79 4.77 2.08 -15.57
N MET D 80 5.58 3.09 -15.89
CA MET D 80 6.90 3.28 -15.27
C MET D 80 6.71 3.65 -13.79
N LYS D 81 5.62 4.31 -13.47
CA LYS D 81 5.35 4.62 -12.05
C LYS D 81 5.03 3.29 -11.36
N LEU D 82 4.24 2.44 -12.01
CA LEU D 82 3.98 1.08 -11.46
C LEU D 82 5.31 0.32 -11.28
N LEU D 83 6.25 0.42 -12.22
CA LEU D 83 7.52 -0.33 -12.06
C LEU D 83 8.22 0.20 -10.81
N ASP D 84 8.22 1.54 -10.65
CA ASP D 84 8.71 2.21 -9.43
C ASP D 84 7.99 1.67 -8.18
N ASP D 85 6.66 1.54 -8.22
CA ASP D 85 5.91 1.01 -7.05
C ASP D 85 6.39 -0.40 -6.73
N LEU D 86 6.67 -1.17 -7.79
CA LEU D 86 7.09 -2.59 -7.68
C LEU D 86 8.47 -2.65 -7.02
N MET D 87 9.36 -1.69 -7.25
CA MET D 87 10.66 -1.78 -6.54
C MET D 87 10.51 -1.31 -5.10
N ASP D 88 9.70 -0.29 -4.84
CA ASP D 88 9.56 0.20 -3.44
C ASP D 88 8.85 -0.88 -2.61
N ASP D 89 7.98 -1.69 -3.21
CA ASP D 89 7.07 -2.68 -2.56
C ASP D 89 6.30 -2.10 -1.34
N ASP D 90 5.72 -0.90 -1.43
CA ASP D 90 5.06 -0.26 -0.27
C ASP D 90 3.62 0.17 -0.59
N THR D 91 3.01 -0.29 -1.70
CA THR D 91 1.65 0.18 -2.12
C THR D 91 0.55 -0.68 -1.47
N GLY D 92 0.88 -1.85 -0.96
CA GLY D 92 -0.07 -2.85 -0.43
C GLY D 92 -0.77 -3.62 -1.55
N LEU D 93 -0.39 -3.38 -2.80
CA LEU D 93 -1.00 -4.07 -3.95
C LEU D 93 -0.37 -5.43 -4.09
N ASP D 94 -1.15 -6.40 -4.54
CA ASP D 94 -0.59 -7.70 -4.98
C ASP D 94 0.49 -7.41 -6.04
N ARG D 95 1.72 -7.87 -5.81
CA ARG D 95 2.86 -7.64 -6.73
C ARG D 95 2.58 -8.26 -8.11
N VAL D 96 1.76 -9.31 -8.18
CA VAL D 96 1.50 -10.00 -9.47
C VAL D 96 0.66 -9.09 -10.37
N GLU D 97 -0.43 -8.54 -9.88
CA GLU D 97 -1.29 -7.72 -10.77
C GLU D 97 -0.51 -6.45 -11.10
N LEU D 98 0.34 -6.01 -10.19
CA LEU D 98 1.07 -4.73 -10.35
C LEU D 98 2.10 -4.91 -11.49
N ALA D 99 2.88 -5.98 -11.48
CA ALA D 99 3.89 -6.30 -12.52
C ALA D 99 3.18 -6.57 -13.86
N CYS D 100 2.08 -7.34 -13.83
CA CYS D 100 1.38 -7.80 -15.08
C CYS D 100 0.68 -6.62 -15.75
N VAL D 101 0.15 -5.70 -14.95
CA VAL D 101 -0.54 -4.51 -15.51
C VAL D 101 0.51 -3.49 -15.96
N CYS D 102 1.58 -3.33 -15.19
CA CYS D 102 2.75 -2.52 -15.57
C CYS D 102 3.15 -2.92 -17.00
N LEU D 103 3.31 -4.22 -17.28
CA LEU D 103 3.74 -4.67 -18.61
C LEU D 103 2.65 -4.38 -19.64
N ARG D 104 1.40 -4.68 -19.33
CA ARG D 104 0.31 -4.51 -20.31
C ARG D 104 0.20 -3.01 -20.68
N LEU D 105 0.19 -2.10 -19.74
CA LEU D 105 0.07 -0.65 -20.06
C LEU D 105 1.21 -0.23 -21.03
N HIS D 106 2.42 -0.68 -20.74
CA HIS D 106 3.67 -0.33 -21.46
C HIS D 106 3.54 -0.85 -22.89
N LEU D 107 3.12 -2.11 -23.03
CA LEU D 107 3.03 -2.74 -24.36
C LEU D 107 2.00 -1.99 -25.18
N ARG D 108 0.87 -1.58 -24.60
CA ARG D 108 -0.14 -0.84 -25.38
C ARG D 108 0.40 0.56 -25.73
N ALA D 109 1.21 1.17 -24.86
CA ALA D 109 1.79 2.49 -25.16
C ALA D 109 2.79 2.41 -26.34
N LEU D 110 3.60 1.35 -26.43
CA LEU D 110 4.56 1.19 -27.54
C LEU D 110 3.76 1.17 -28.85
N HIS D 111 2.72 0.36 -28.86
CA HIS D 111 1.85 0.19 -30.04
C HIS D 111 1.25 1.53 -30.43
N GLU D 112 0.64 2.25 -29.49
CA GLU D 112 -0.06 3.53 -29.78
C GLU D 112 0.95 4.58 -30.27
N LEU D 113 2.09 4.71 -29.60
CA LEU D 113 3.16 5.67 -30.00
C LEU D 113 3.72 5.30 -31.39
N GLU D 114 4.01 4.03 -31.67
CA GLU D 114 4.61 3.66 -32.98
C GLU D 114 3.58 3.84 -34.11
N SER D 115 2.29 3.82 -33.81
CA SER D 115 1.19 4.10 -34.77
C SER D 115 1.23 5.56 -35.22
N LEU D 116 1.78 6.44 -34.39
CA LEU D 116 1.71 7.91 -34.57
C LEU D 116 3.10 8.48 -34.90
N ALA D 117 4.14 7.65 -34.86
CA ALA D 117 5.55 8.09 -34.99
C ALA D 117 5.86 8.40 -36.46
N ARG D 118 6.66 9.43 -36.73
CA ARG D 118 7.09 9.77 -38.12
C ARG D 118 7.87 8.55 -38.65
N ASP D 119 8.96 8.23 -37.97
CA ASP D 119 9.89 7.13 -38.30
C ASP D 119 9.43 5.91 -37.52
N PRO D 120 9.40 4.72 -38.15
CA PRO D 120 9.03 3.51 -37.41
C PRO D 120 10.07 3.05 -36.35
N LYS D 121 11.20 3.71 -36.22
CA LYS D 121 12.29 3.33 -35.31
C LYS D 121 12.44 4.40 -34.24
N ALA D 122 11.80 5.55 -34.42
CA ALA D 122 12.06 6.71 -33.55
C ALA D 122 11.76 6.37 -32.08
N VAL D 123 10.69 5.62 -31.83
CA VAL D 123 10.27 5.33 -30.44
C VAL D 123 11.35 4.49 -29.75
N THR D 124 11.83 3.42 -30.38
CA THR D 124 12.79 2.47 -29.75
C THR D 124 14.14 3.18 -29.67
N ASP D 125 14.47 4.05 -30.64
CA ASP D 125 15.70 4.91 -30.58
C ASP D 125 15.69 5.75 -29.31
N ILE D 126 14.60 6.50 -29.09
CA ILE D 126 14.43 7.39 -27.89
C ILE D 126 14.50 6.53 -26.62
N LEU D 127 13.79 5.41 -26.56
CA LEU D 127 13.75 4.56 -25.34
C LEU D 127 15.14 3.97 -25.07
N GLU D 128 15.91 3.62 -26.10
CA GLU D 128 17.24 2.98 -25.91
C GLU D 128 18.35 4.03 -25.73
N GLN D 129 18.29 5.18 -26.43
CA GLN D 129 19.38 6.23 -26.46
C GLN D 129 20.06 6.37 -25.08
N ASP D 130 19.27 6.65 -24.04
CA ASP D 130 19.77 6.89 -22.66
C ASP D 130 19.11 5.95 -21.64
N ALA D 131 18.83 4.72 -22.05
CA ALA D 131 18.32 3.68 -21.14
C ALA D 131 19.32 3.45 -20.00
N VAL D 132 20.62 3.44 -20.28
CA VAL D 132 21.63 3.09 -19.25
C VAL D 132 21.65 4.24 -18.24
N HIS D 133 21.64 5.48 -18.72
CA HIS D 133 21.60 6.68 -17.84
C HIS D 133 20.35 6.62 -16.95
N LEU D 134 19.16 6.43 -17.55
CA LEU D 134 17.91 6.35 -16.74
C LEU D 134 17.98 5.16 -15.76
N CYS D 135 18.25 3.93 -16.21
CA CYS D 135 18.06 2.71 -15.38
C CYS D 135 19.22 2.62 -14.34
N GLY D 136 20.47 2.75 -14.77
CA GLY D 136 21.65 2.77 -13.89
C GLY D 136 21.58 3.97 -12.95
N GLY D 137 21.07 5.11 -13.42
CA GLY D 137 20.85 6.31 -12.58
C GLY D 137 19.81 6.07 -11.49
N GLN D 138 18.72 5.38 -11.79
CA GLN D 138 17.67 5.06 -10.80
C GLN D 138 18.26 4.17 -9.70
N ILE D 139 19.14 3.22 -10.03
CA ILE D 139 19.77 2.36 -8.98
C ILE D 139 20.54 3.30 -8.04
N ARG D 140 21.37 4.20 -8.59
CA ARG D 140 22.19 5.13 -7.75
C ARG D 140 21.25 6.07 -6.98
N THR D 141 20.16 6.56 -7.55
CA THR D 141 19.31 7.50 -6.78
C THR D 141 18.57 6.73 -5.67
N LYS D 142 18.07 5.51 -5.89
CA LYS D 142 17.42 4.72 -4.81
C LYS D 142 18.43 4.26 -3.73
N ARG D 143 19.73 4.15 -4.02
CA ARG D 143 20.63 3.47 -3.05
C ARG D 143 21.70 4.41 -2.48
N SER D 144 21.64 5.70 -2.84
CA SER D 144 22.47 6.80 -2.27
C SER D 144 21.58 7.98 -1.87
N ARG D 145 22.09 8.84 -0.98
CA ARG D 145 21.45 10.13 -0.59
C ARG D 145 22.39 11.25 -1.04
N ALA D 146 21.83 12.40 -1.40
CA ALA D 146 22.64 13.61 -1.67
C ALA D 146 23.09 14.23 -0.33
N THR D 147 24.32 14.70 -0.26
CA THR D 147 24.90 15.44 0.89
C THR D 147 25.08 16.93 0.58
N ASN D 148 24.96 17.35 -0.69
CA ASN D 148 25.05 18.76 -1.16
C ASN D 148 24.14 18.98 -2.40
N LEU D 149 24.24 20.12 -3.07
CA LEU D 149 23.30 20.50 -4.16
C LEU D 149 23.74 19.83 -5.47
N ARG D 150 25.04 19.73 -5.73
CA ARG D 150 25.57 19.06 -6.95
C ARG D 150 25.02 17.63 -6.99
N GLU D 151 25.10 16.89 -5.88
CA GLU D 151 24.64 15.48 -5.81
C GLU D 151 23.10 15.45 -5.89
N TRP D 152 22.45 16.39 -5.22
CA TRP D 152 20.98 16.46 -5.23
C TRP D 152 20.48 16.60 -6.67
N ARG D 153 21.05 17.56 -7.40
CA ARG D 153 20.68 17.91 -8.80
C ARG D 153 21.09 16.73 -9.71
N ALA D 154 22.20 16.03 -9.43
CA ALA D 154 22.67 14.88 -10.23
C ALA D 154 21.61 13.77 -10.18
N HIS D 155 21.11 13.42 -8.98
CA HIS D 155 20.01 12.45 -8.80
C HIS D 155 18.75 12.96 -9.51
N ALA D 156 18.35 14.21 -9.24
CA ALA D 156 17.09 14.76 -9.81
C ALA D 156 17.16 14.77 -11.35
N SER D 157 18.34 14.88 -11.95
CA SER D 157 18.47 14.97 -13.42
C SER D 157 18.20 13.60 -14.06
N THR D 158 18.25 12.49 -13.30
CA THR D 158 17.98 11.15 -13.86
C THR D 158 16.49 10.87 -13.65
N TYR D 159 15.98 10.96 -12.43
CA TYR D 159 14.59 10.55 -12.16
C TYR D 159 13.59 11.65 -12.53
N GLY D 160 14.07 12.86 -12.75
CA GLY D 160 13.21 13.97 -13.19
C GLY D 160 13.47 14.26 -14.65
N SER D 161 14.62 14.87 -14.91
CA SER D 161 14.93 15.44 -16.25
C SER D 161 15.03 14.33 -17.31
N THR D 162 15.81 13.27 -17.09
CA THR D 162 15.99 12.22 -18.11
C THR D 162 14.65 11.52 -18.31
N PHE D 163 13.94 11.24 -17.21
CA PHE D 163 12.62 10.58 -17.26
C PHE D 163 11.66 11.39 -18.13
N LEU D 164 11.36 12.63 -17.79
CA LEU D 164 10.36 13.40 -18.59
C LEU D 164 10.96 13.85 -19.94
N GLY D 165 12.27 14.03 -20.04
CA GLY D 165 12.94 14.37 -21.32
C GLY D 165 12.57 13.37 -22.41
N ARG D 166 12.64 12.08 -22.13
CA ARG D 166 12.30 10.98 -23.07
C ARG D 166 10.84 11.08 -23.52
N TYR D 167 9.90 11.43 -22.62
CA TYR D 167 8.47 11.61 -23.00
C TYR D 167 8.29 12.88 -23.84
N GLY D 168 9.01 13.94 -23.53
CA GLY D 168 9.10 15.11 -24.45
C GLY D 168 9.54 14.70 -25.86
N ALA D 169 10.61 13.94 -25.98
CA ALA D 169 11.16 13.51 -27.29
C ALA D 169 10.10 12.63 -27.98
N LEU D 170 9.37 11.84 -27.20
CA LEU D 170 8.29 10.97 -27.74
C LEU D 170 7.14 11.83 -28.22
N ALA D 171 6.74 12.84 -27.45
CA ALA D 171 5.68 13.82 -27.85
C ALA D 171 6.01 14.43 -29.22
N ALA D 172 7.23 14.90 -29.39
CA ALA D 172 7.75 15.49 -30.66
C ALA D 172 7.75 14.44 -31.78
N ALA D 173 8.19 13.22 -31.52
CA ALA D 173 8.32 12.20 -32.58
C ALA D 173 6.94 11.77 -33.05
N CYS D 174 5.94 11.83 -32.18
CA CYS D 174 4.60 11.30 -32.44
C CYS D 174 3.66 12.45 -32.71
N GLY D 175 4.15 13.68 -32.61
CA GLY D 175 3.34 14.90 -32.56
C GLY D 175 3.08 15.50 -33.94
N GLY D 176 3.41 14.79 -35.01
CA GLY D 176 3.10 15.27 -36.37
C GLY D 176 3.96 16.47 -36.72
N GLU D 177 3.42 17.45 -37.42
CA GLU D 177 4.23 18.53 -38.06
C GLU D 177 4.40 19.69 -37.08
N GLY D 178 5.50 20.45 -37.20
CA GLY D 178 5.76 21.66 -36.40
C GLY D 178 6.22 21.36 -34.97
N GLN D 179 6.84 20.19 -34.77
CA GLN D 179 7.41 19.79 -33.46
C GLN D 179 8.90 20.12 -33.44
N PRO D 180 9.34 21.09 -32.62
CA PRO D 180 10.77 21.38 -32.47
C PRO D 180 11.35 20.42 -31.42
N ALA D 181 11.78 19.25 -31.89
CA ALA D 181 12.12 18.05 -31.05
C ALA D 181 13.09 18.40 -29.92
N ASP D 182 14.17 19.16 -30.20
CA ASP D 182 15.17 19.56 -29.18
C ASP D 182 14.46 20.44 -28.14
N SER D 183 13.56 21.32 -28.55
CA SER D 183 12.92 22.31 -27.64
C SER D 183 11.91 21.60 -26.72
N VAL D 184 11.12 20.66 -27.22
CA VAL D 184 10.12 19.95 -26.37
C VAL D 184 10.86 19.15 -25.30
N ARG D 185 11.98 18.56 -25.64
CA ARG D 185 12.81 17.83 -24.64
C ARG D 185 13.42 18.81 -23.63
N GLU D 186 13.96 19.93 -24.07
CA GLU D 186 14.58 20.96 -23.18
C GLU D 186 13.54 21.44 -22.17
N PHE D 187 12.32 21.75 -22.65
CA PHE D 187 11.16 22.12 -21.81
C PHE D 187 10.92 21.00 -20.79
N ALA D 188 10.72 19.76 -21.22
CA ALA D 188 10.44 18.61 -20.33
C ALA D 188 11.55 18.46 -19.28
N GLU D 189 12.81 18.58 -19.66
CA GLU D 189 13.94 18.34 -18.71
C GLU D 189 14.01 19.45 -17.65
N ALA D 190 13.76 20.69 -18.05
CA ALA D 190 13.82 21.83 -17.10
C ALA D 190 12.58 21.80 -16.18
N PHE D 191 11.39 21.62 -16.74
CA PHE D 191 10.11 21.57 -16.00
C PHE D 191 10.18 20.42 -14.97
N ALA D 192 10.69 19.26 -15.36
CA ALA D 192 10.73 18.09 -14.48
C ALA D 192 11.54 18.48 -13.24
N MET D 193 12.64 19.19 -13.42
CA MET D 193 13.51 19.49 -12.27
C MET D 193 12.83 20.52 -11.36
N THR D 194 12.10 21.48 -11.91
CA THR D 194 11.32 22.43 -11.06
C THR D 194 10.40 21.58 -10.21
N ILE D 195 9.66 20.66 -10.83
CA ILE D 195 8.67 19.82 -10.10
C ILE D 195 9.38 19.01 -8.99
N THR D 196 10.52 18.43 -9.31
CA THR D 196 11.35 17.60 -8.39
C THR D 196 11.73 18.47 -7.17
N MET D 197 12.01 19.74 -7.39
CA MET D 197 12.41 20.65 -6.29
C MET D 197 11.18 20.90 -5.44
N ALA D 198 10.03 21.15 -6.07
CA ALA D 198 8.73 21.36 -5.40
C ALA D 198 8.36 20.13 -4.57
N ASP D 199 8.55 18.92 -5.11
CA ASP D 199 8.12 17.65 -4.48
C ASP D 199 8.92 17.50 -3.17
N ASP D 200 10.22 17.71 -3.21
CA ASP D 200 11.13 17.49 -2.06
C ASP D 200 10.81 18.51 -0.96
N LEU D 201 10.47 19.75 -1.34
CA LEU D 201 10.12 20.83 -0.37
C LEU D 201 8.76 20.52 0.26
N THR D 202 7.83 19.93 -0.49
CA THR D 202 6.53 19.48 0.04
C THR D 202 6.71 18.27 0.96
N ASP D 203 7.55 17.31 0.56
CA ASP D 203 7.61 15.97 1.22
C ASP D 203 8.27 16.14 2.58
N TYR D 204 9.04 17.24 2.80
CA TYR D 204 9.63 17.59 4.11
C TYR D 204 8.55 17.55 5.21
N ASP D 205 7.37 18.12 4.96
CA ASP D 205 6.24 18.22 5.91
C ASP D 205 5.17 17.14 5.64
N ARG D 206 4.92 16.79 4.38
CA ARG D 206 3.78 15.88 4.06
C ARG D 206 4.10 14.43 4.49
N ASN D 207 5.39 14.08 4.54
CA ASN D 207 5.91 12.69 4.73
C ASN D 207 7.05 12.62 5.77
N GLY D 208 7.55 13.74 6.26
CA GLY D 208 8.65 13.79 7.24
C GLY D 208 9.97 13.30 6.66
N GLU D 209 10.17 13.41 5.34
CA GLU D 209 11.44 13.02 4.65
C GLU D 209 12.55 13.94 5.16
N ARG D 210 13.76 13.40 5.42
CA ARG D 210 14.96 14.15 5.92
C ARG D 210 16.21 13.83 5.07
N ASP D 211 16.95 12.74 5.32
CA ASP D 211 18.27 12.46 4.65
C ASP D 211 18.10 12.51 3.13
N GLY D 212 18.89 13.36 2.46
CA GLY D 212 18.85 13.64 1.00
C GLY D 212 17.76 14.61 0.57
N ASN D 213 16.81 14.96 1.45
CA ASN D 213 15.71 15.87 1.08
C ASN D 213 16.23 17.32 1.02
N LEU D 214 15.92 18.02 -0.06
CA LEU D 214 16.51 19.36 -0.39
C LEU D 214 16.24 20.34 0.76
N ALA D 215 15.02 20.40 1.30
CA ALA D 215 14.66 21.25 2.47
C ALA D 215 15.57 20.90 3.66
N HIS D 216 15.73 19.60 3.97
CA HIS D 216 16.60 19.17 5.10
C HIS D 216 18.05 19.61 4.82
N LEU D 217 18.52 19.50 3.58
CA LEU D 217 19.90 19.91 3.21
C LEU D 217 20.08 21.43 3.42
N MET D 218 19.00 22.21 3.38
CA MET D 218 19.06 23.67 3.54
C MET D 218 19.11 23.95 5.04
N ARG D 219 18.15 23.41 5.80
CA ARG D 219 18.01 23.58 7.26
C ARG D 219 19.28 23.07 7.96
N THR D 220 19.94 22.07 7.40
CA THR D 220 21.20 21.50 7.92
C THR D 220 22.34 22.47 7.55
N GLY D 221 22.13 23.33 6.56
CA GLY D 221 23.16 24.25 6.04
C GLY D 221 24.08 23.63 4.99
N ALA D 222 23.82 22.40 4.51
CA ALA D 222 24.70 21.73 3.51
C ALA D 222 24.44 22.33 2.12
N VAL D 223 23.26 22.93 1.93
CA VAL D 223 22.82 23.60 0.67
C VAL D 223 22.43 25.04 1.03
N ALA D 224 23.14 25.99 0.44
CA ALA D 224 22.89 27.46 0.48
C ALA D 224 21.53 27.79 -0.15
N GLY D 225 20.67 28.52 0.55
CA GLY D 225 19.32 28.92 0.08
C GLY D 225 19.39 29.71 -1.23
N GLN D 226 20.37 30.59 -1.40
CA GLN D 226 20.50 31.43 -2.63
C GLN D 226 20.73 30.48 -3.83
N ASP D 227 21.61 29.47 -3.68
CA ASP D 227 21.96 28.45 -4.71
C ASP D 227 20.66 27.79 -5.25
N VAL D 228 19.65 27.63 -4.41
CA VAL D 228 18.35 27.00 -4.78
C VAL D 228 17.50 28.01 -5.55
N VAL D 229 17.47 29.27 -5.10
CA VAL D 229 16.76 30.37 -5.80
C VAL D 229 17.35 30.48 -7.22
N ASP D 230 18.67 30.48 -7.34
CA ASP D 230 19.38 30.60 -8.64
C ASP D 230 18.91 29.47 -9.56
N LEU D 231 19.10 28.22 -9.07
CA LEU D 231 18.73 26.97 -9.76
C LEU D 231 17.29 27.10 -10.25
N LEU D 232 16.37 27.54 -9.39
CA LEU D 232 14.95 27.66 -9.80
C LEU D 232 14.85 28.67 -10.94
N GLU D 233 15.56 29.78 -10.86
CA GLU D 233 15.50 30.86 -11.89
C GLU D 233 16.09 30.31 -13.19
N GLU D 234 17.21 29.59 -13.11
CA GLU D 234 17.82 28.94 -14.29
C GLU D 234 16.79 28.01 -14.97
N LEU D 235 16.03 27.23 -14.21
CA LEU D 235 15.10 26.21 -14.76
C LEU D 235 13.92 26.92 -15.42
N ARG D 236 13.43 27.99 -14.80
CA ARG D 236 12.39 28.90 -15.36
C ARG D 236 12.89 29.38 -16.74
N GLY D 237 14.09 29.99 -16.80
CA GLY D 237 14.68 30.51 -18.05
C GLY D 237 14.83 29.43 -19.11
N ARG D 238 15.39 28.25 -18.74
CA ARG D 238 15.56 27.12 -19.69
C ARG D 238 14.21 26.78 -20.28
N ALA D 239 13.18 26.76 -19.46
CA ALA D 239 11.82 26.33 -19.87
C ALA D 239 11.21 27.35 -20.83
N LEU D 240 11.29 28.63 -20.49
CA LEU D 240 10.77 29.77 -21.30
C LEU D 240 11.50 29.85 -22.63
N ALA D 241 12.82 29.66 -22.62
CA ALA D 241 13.62 29.69 -23.87
C ALA D 241 13.16 28.54 -24.79
N ALA D 242 12.97 27.35 -24.24
CA ALA D 242 12.56 26.19 -25.02
C ALA D 242 11.16 26.43 -25.65
N VAL D 243 10.22 27.06 -24.93
CA VAL D 243 8.84 27.23 -25.47
C VAL D 243 8.77 28.45 -26.39
N ALA D 244 9.79 29.33 -26.36
CA ALA D 244 9.91 30.49 -27.28
C ALA D 244 10.40 30.04 -28.65
N ALA D 245 11.08 28.90 -28.74
CA ALA D 245 11.76 28.43 -29.98
C ALA D 245 10.71 28.17 -31.05
N PRO D 246 10.96 28.55 -32.31
CA PRO D 246 9.99 28.33 -33.39
C PRO D 246 9.65 26.85 -33.49
N PRO D 247 8.37 26.47 -33.69
CA PRO D 247 7.28 27.43 -33.90
C PRO D 247 6.62 27.97 -32.62
N GLY D 248 7.00 27.46 -31.46
CA GLY D 248 6.61 28.04 -30.16
C GLY D 248 5.41 27.35 -29.54
N ALA D 249 5.34 27.37 -28.22
CA ALA D 249 4.21 26.89 -27.41
C ALA D 249 3.95 27.97 -26.38
N PRO D 250 3.37 29.11 -26.81
CA PRO D 250 3.15 30.25 -25.89
C PRO D 250 2.21 29.87 -24.73
N GLY D 251 1.44 28.81 -24.93
CA GLY D 251 0.51 28.32 -23.90
C GLY D 251 1.23 27.85 -22.65
N LEU D 252 2.48 27.44 -22.75
CA LEU D 252 3.22 26.93 -21.58
C LEU D 252 3.85 28.06 -20.76
N VAL D 253 3.84 29.29 -21.25
CA VAL D 253 4.51 30.38 -20.49
C VAL D 253 3.88 30.55 -19.09
N PRO D 254 2.55 30.66 -18.95
CA PRO D 254 1.96 30.80 -17.63
C PRO D 254 2.23 29.52 -16.81
N VAL D 255 2.13 28.37 -17.44
CA VAL D 255 2.40 27.07 -16.78
C VAL D 255 3.79 27.13 -16.14
N VAL D 256 4.79 27.52 -16.91
CA VAL D 256 6.17 27.62 -16.39
C VAL D 256 6.22 28.63 -15.24
N HIS D 257 5.53 29.75 -15.38
CA HIS D 257 5.56 30.80 -14.32
C HIS D 257 4.83 30.33 -13.05
N LEU D 258 3.68 29.71 -13.20
CA LEU D 258 2.89 29.21 -12.04
C LEU D 258 3.75 28.28 -11.19
N TYR D 259 4.15 27.14 -11.75
CA TYR D 259 4.93 26.13 -11.00
C TYR D 259 6.21 26.72 -10.41
N THR D 260 6.91 27.60 -11.13
CA THR D 260 8.16 28.17 -10.57
C THR D 260 7.88 29.14 -9.44
N ASP D 261 6.89 30.02 -9.60
CA ASP D 261 6.59 31.04 -8.56
C ASP D 261 6.07 30.36 -7.29
N ASP D 262 5.28 29.30 -7.46
CA ASP D 262 4.77 28.54 -6.30
C ASP D 262 5.93 28.13 -5.40
N VAL D 263 6.94 27.51 -5.98
CA VAL D 263 8.12 27.05 -5.19
C VAL D 263 8.75 28.24 -4.46
N LEU D 264 8.93 29.35 -5.19
CA LEU D 264 9.59 30.57 -4.66
C LEU D 264 8.77 31.21 -3.55
N VAL D 265 7.44 31.11 -3.60
CA VAL D 265 6.63 31.81 -2.56
C VAL D 265 6.02 30.80 -1.58
N ARG D 266 5.08 29.97 -2.03
CA ARG D 266 4.32 29.10 -1.11
C ARG D 266 5.09 27.85 -0.71
N LEU D 267 6.36 27.70 -1.09
CA LEU D 267 7.06 26.45 -0.68
C LEU D 267 8.45 26.75 -0.13
N LEU D 268 9.21 27.62 -0.78
CA LEU D 268 10.63 27.81 -0.36
C LEU D 268 10.80 28.75 0.85
N PRO D 269 9.99 29.80 1.08
CA PRO D 269 10.29 30.71 2.18
C PRO D 269 10.31 30.00 3.54
N ARG D 270 9.38 29.07 3.76
CA ARG D 270 9.29 28.24 5.00
C ARG D 270 10.67 27.65 5.36
N HIS D 271 11.39 27.05 4.40
CA HIS D 271 12.70 26.37 4.63
C HIS D 271 13.85 27.37 4.41
N LEU D 272 13.51 28.63 4.13
CA LEU D 272 14.44 29.81 4.16
C LEU D 272 14.28 30.53 5.51
N GLU D 291 37.63 47.73 12.64
CA GLU D 291 36.54 47.11 11.85
C GLU D 291 36.50 45.63 12.24
N LYS D 292 35.32 45.01 12.22
CA LYS D 292 35.20 43.60 12.63
C LYS D 292 34.32 42.84 11.65
N GLU D 293 34.28 41.51 11.79
CA GLU D 293 33.44 40.59 11.00
C GLU D 293 33.25 39.34 11.87
N VAL D 294 32.01 38.86 12.04
CA VAL D 294 31.75 37.69 12.92
C VAL D 294 30.89 36.67 12.19
N ASP D 295 31.19 35.37 12.39
CA ASP D 295 30.43 34.26 11.77
C ASP D 295 29.03 34.24 12.39
N ILE D 296 28.03 33.78 11.63
CA ILE D 296 26.63 33.80 12.14
C ILE D 296 26.36 32.72 13.19
N SER D 297 27.25 31.73 13.37
CA SER D 297 26.97 30.68 14.39
C SER D 297 27.62 31.02 15.74
N LYS D 298 28.01 32.29 15.95
CA LYS D 298 28.59 32.78 17.22
C LYS D 298 27.64 33.83 17.80
N ILE D 299 26.77 34.39 16.96
CA ILE D 299 25.80 35.42 17.41
C ILE D 299 24.79 34.73 18.33
N LYS D 300 24.52 35.31 19.50
CA LYS D 300 23.59 34.69 20.48
C LYS D 300 22.28 35.50 20.57
N LYS D 301 22.37 36.77 20.94
CA LYS D 301 21.16 37.61 21.10
C LYS D 301 21.04 38.57 19.91
N VAL D 302 19.84 38.72 19.36
CA VAL D 302 19.61 39.66 18.24
C VAL D 302 18.27 40.35 18.47
N TRP D 303 18.24 41.68 18.37
CA TRP D 303 17.00 42.48 18.60
C TRP D 303 17.02 43.75 17.76
N ARG D 304 15.84 44.31 17.53
CA ARG D 304 15.57 45.47 16.64
C ARG D 304 15.35 46.72 17.52
N VAL D 305 16.13 47.78 17.23
CA VAL D 305 15.84 49.18 17.67
C VAL D 305 15.68 50.06 16.43
N GLY D 306 14.43 50.40 16.09
CA GLY D 306 14.06 51.20 14.91
C GLY D 306 14.44 50.44 13.65
N LYS D 307 15.35 50.98 12.84
CA LYS D 307 15.93 50.25 11.67
C LYS D 307 17.40 49.90 11.96
N MET D 308 17.76 49.76 13.24
CA MET D 308 19.08 49.25 13.68
C MET D 308 18.91 47.84 14.29
N ILE D 309 19.88 46.97 14.01
CA ILE D 309 19.96 45.56 14.46
C ILE D 309 21.11 45.51 15.48
N SER D 310 20.79 45.39 16.77
CA SER D 310 21.80 45.29 17.84
C SER D 310 22.01 43.80 18.12
N PHE D 311 23.23 43.37 18.49
CA PHE D 311 23.53 41.93 18.74
C PHE D 311 24.69 41.77 19.74
N THR D 312 24.80 40.55 20.29
CA THR D 312 25.94 40.01 21.09
C THR D 312 26.40 38.71 20.43
N TYR D 313 27.65 38.26 20.68
CA TYR D 313 28.23 37.05 20.05
C TYR D 313 29.34 36.45 20.92
N ASP D 314 29.72 35.19 20.63
CA ASP D 314 30.77 34.41 21.33
C ASP D 314 32.15 34.91 20.87
N ARG D 322 27.65 43.59 21.59
CA ARG D 322 28.99 43.44 20.96
C ARG D 322 29.00 44.20 19.63
N GLY D 323 27.81 44.48 19.07
CA GLY D 323 27.74 45.22 17.80
C GLY D 323 26.33 45.66 17.43
N ALA D 324 26.22 46.50 16.39
CA ALA D 324 24.95 47.03 15.87
C ALA D 324 25.14 47.46 14.41
N VAL D 325 24.19 47.14 13.55
CA VAL D 325 24.24 47.48 12.08
C VAL D 325 22.86 47.93 11.61
N SER D 326 22.83 48.77 10.57
CA SER D 326 21.59 49.08 9.83
C SER D 326 21.01 47.77 9.32
N GLU D 327 19.68 47.64 9.22
CA GLU D 327 19.02 46.50 8.53
C GLU D 327 19.52 46.47 7.07
N LYS D 328 19.76 47.64 6.46
CA LYS D 328 20.29 47.79 5.07
C LYS D 328 21.65 47.06 4.93
N ASP D 329 22.58 47.22 5.87
CA ASP D 329 23.96 46.63 5.80
C ASP D 329 24.01 45.28 6.53
N ALA D 330 22.90 44.54 6.59
CA ALA D 330 22.75 43.28 7.38
C ALA D 330 22.58 42.08 6.44
N PRO D 331 23.07 40.88 6.82
CA PRO D 331 22.76 39.65 6.08
C PRO D 331 21.33 39.15 6.36
N LYS D 332 20.79 38.32 5.47
CA LYS D 332 19.47 37.62 5.64
C LYS D 332 19.51 36.70 6.86
N GLU D 333 20.69 36.13 7.15
CA GLU D 333 20.97 35.22 8.30
C GLU D 333 20.61 35.90 9.63
N LEU D 334 21.15 37.10 9.87
CA LEU D 334 20.91 37.92 11.10
C LEU D 334 19.42 38.29 11.19
N LEU D 335 18.83 38.76 10.08
CA LEU D 335 17.42 39.25 9.99
C LEU D 335 16.41 38.11 10.27
N GLN D 336 16.84 36.83 10.18
CA GLN D 336 15.97 35.64 10.45
C GLN D 336 15.83 35.45 11.96
N MET D 337 16.97 35.36 12.66
CA MET D 337 17.07 35.14 14.15
C MET D 337 16.15 36.11 14.92
N LEU D 338 15.93 37.31 14.37
CA LEU D 338 15.13 38.42 14.96
C LEU D 338 13.72 37.96 15.35
N GLU D 339 12.90 37.50 14.38
CA GLU D 339 11.54 36.97 14.65
C GLU D 339 11.66 35.52 15.17
N LYS D 340 12.88 35.06 15.49
CA LYS D 340 13.16 33.74 16.08
C LYS D 340 13.79 33.96 17.46
#